data_9H9V
#
_entry.id   9H9V
#
_cell.length_a   108.041
_cell.length_b   119.621
_cell.length_c   64.172
_cell.angle_alpha   90
_cell.angle_beta   92.52
_cell.angle_gamma   90
#
_symmetry.space_group_name_H-M   'C 1 2 1'
#
loop_
_entity.id
_entity.type
_entity.pdbx_description
1 polymer Babybass
2 polymer Babybass
3 polymer Babybass
4 polymer Babybass
5 polymer Babybass
6 polymer Babybass
7 water water
#
loop_
_entity_poly.entity_id
_entity_poly.type
_entity_poly.pdbx_seq_one_letter_code
_entity_poly.pdbx_strand_id
1 'polypeptide(L)'
;QGMDFLTSTLLSGILYDGFKNGVAITTGFLKEKLHGWIVDDTLLETLAYKVNTLELKDYGEHVIERKLNESSEIQQILKL
IQPEQ
;
A
2 'polypeptide(L)'
;MDFLTSTLLSGILYDGFKNGVAITTGFLKEKLHGWIVDDTLLETLAYKVNTLELKDYGEHVIERKLNESSEIQQILKLIQ
PE
;
B,E
3 'polypeptide(L)'
;MDFLTSTLLSGILYDGFKNGVAITTGFLKEKLHGWIVDDTLLETLAYKVNTLELKDYGEHVIERKLNESSEIQQILKLIQ
PEQN
;
C
4 'polypeptide(L)'
;GMDFLTSTLLSGILYDGFKNGVAITTGFLKEKLHGWIVDDTLLETLAYKVNTLELKDYGEHVIERKLNESSEIQQILKLI
QPEQN
;
D
5 'polypeptide(L)'
;GMDFLTSTLLSGILYDGFKNGVAITTGFLKEKLHGWIVDDTLLETLAYKVNTLELKDYGEHVIERKLNESSEIQQILKLI
QPE
;
F,H
6 'polypeptide(L)'
;GMDFLTSTLLSGILYDGFKNGVAITTGFLKEKLHGWIVDDTLLETLAYKVNTLELKDYGEHVIERKLNESSEIQQILKLI
QPEQ
;
G
#
# COMPACT_ATOMS: atom_id res chain seq x y z
N GLN A 1 -5.74 26.73 24.57
CA GLN A 1 -5.87 26.71 23.11
C GLN A 1 -6.71 25.52 22.67
N GLY A 2 -6.47 24.36 23.30
CA GLY A 2 -7.12 23.09 22.96
C GLY A 2 -6.40 22.39 21.82
N MET A 3 -5.06 22.50 21.83
CA MET A 3 -4.04 22.01 20.89
C MET A 3 -4.55 21.12 19.75
N ASP A 4 -4.84 19.81 19.98
CA ASP A 4 -5.33 18.98 18.90
C ASP A 4 -5.77 17.57 19.37
N PHE A 5 -5.96 16.67 18.40
CA PHE A 5 -6.35 15.28 18.53
C PHE A 5 -5.21 14.39 17.92
N LEU A 6 -5.29 13.06 18.12
CA LEU A 6 -4.31 12.13 17.60
C LEU A 6 -4.41 12.11 16.08
N THR A 7 -3.52 12.81 15.40
CA THR A 7 -3.52 12.91 13.93
C THR A 7 -2.91 11.69 13.26
N SER A 8 -3.18 11.52 11.94
CA SER A 8 -2.60 10.44 11.13
C SER A 8 -1.06 10.48 11.07
N THR A 9 -0.46 11.66 11.32
CA THR A 9 0.97 11.91 11.39
C THR A 9 1.49 11.25 12.67
N LEU A 10 0.92 11.63 13.82
CA LEU A 10 1.26 11.11 15.14
C LEU A 10 1.06 9.59 15.22
N LEU A 11 0.02 9.07 14.56
CA LEU A 11 -0.26 7.64 14.58
C LEU A 11 0.67 6.89 13.61
N SER A 12 1.06 7.50 12.49
CA SER A 12 1.96 6.83 11.54
C SER A 12 3.35 6.56 12.15
N GLY A 13 3.80 7.44 13.04
CA GLY A 13 5.06 7.28 13.74
C GLY A 13 5.01 6.23 14.84
N ILE A 14 3.85 6.05 15.46
CA ILE A 14 3.67 5.05 16.50
C ILE A 14 3.63 3.68 15.86
N LEU A 15 2.84 3.54 14.79
CA LEU A 15 2.69 2.27 14.08
C LEU A 15 3.97 1.83 13.37
N TYR A 16 4.70 2.77 12.72
CA TYR A 16 5.94 2.44 12.01
C TYR A 16 6.95 1.75 12.92
N ASP A 17 7.07 2.27 14.13
CA ASP A 17 7.94 1.79 15.17
C ASP A 17 7.55 0.39 15.67
N GLY A 18 6.25 0.09 15.68
CA GLY A 18 5.76 -1.23 16.04
C GLY A 18 6.08 -2.26 14.97
N PHE A 19 5.93 -1.87 13.69
CA PHE A 19 6.23 -2.72 12.52
C PHE A 19 7.76 -2.92 12.36
N LYS A 20 8.54 -1.88 12.71
CA LYS A 20 9.99 -1.91 12.67
C LYS A 20 10.54 -2.92 13.70
N ASN A 21 9.87 -3.07 14.85
CA ASN A 21 10.30 -4.00 15.89
C ASN A 21 9.53 -5.36 15.86
N GLY A 22 8.75 -5.60 14.81
CA GLY A 22 8.02 -6.85 14.62
C GLY A 22 6.89 -7.12 15.58
N VAL A 23 6.37 -6.07 16.24
CA VAL A 23 5.29 -6.09 17.23
C VAL A 23 3.85 -5.98 16.58
N ALA A 24 2.89 -6.81 17.02
CA ALA A 24 1.52 -6.74 16.54
C ALA A 24 0.78 -5.50 17.13
N ILE A 25 -0.08 -4.88 16.32
CA ILE A 25 -0.82 -3.72 16.77
C ILE A 25 -2.00 -4.17 17.61
N THR A 26 -1.89 -4.00 18.91
CA THR A 26 -2.96 -4.38 19.82
C THR A 26 -3.48 -3.15 20.60
N THR A 27 -4.63 -3.31 21.30
CA THR A 27 -5.22 -2.30 22.18
C THR A 27 -4.16 -1.90 23.24
N GLY A 28 -3.63 -2.89 23.97
CA GLY A 28 -2.58 -2.68 24.97
C GLY A 28 -1.35 -1.97 24.46
N PHE A 29 -0.89 -2.30 23.23
CA PHE A 29 0.26 -1.64 22.62
C PHE A 29 -0.05 -0.16 22.40
N LEU A 30 -1.23 0.17 21.88
CA LEU A 30 -1.62 1.55 21.67
C LEU A 30 -1.80 2.28 22.99
N LYS A 31 -2.35 1.63 23.99
CA LYS A 31 -2.56 2.19 25.32
C LYS A 31 -1.21 2.60 25.93
N GLU A 32 -0.18 1.74 25.78
CA GLU A 32 1.19 1.96 26.23
C GLU A 32 1.83 3.18 25.55
N LYS A 33 1.53 3.38 24.26
CA LYS A 33 2.07 4.49 23.48
C LYS A 33 1.28 5.81 23.62
N LEU A 34 0.11 5.78 24.29
CA LEU A 34 -0.72 6.99 24.41
C LEU A 34 -0.82 7.55 25.83
N HIS A 35 0.29 7.56 26.59
CA HIS A 35 0.29 8.17 27.92
C HIS A 35 0.09 9.69 27.76
N GLY A 36 -0.82 10.25 28.56
CA GLY A 36 -1.18 11.66 28.45
C GLY A 36 -2.35 11.91 27.50
N TRP A 37 -2.97 10.84 26.98
CA TRP A 37 -4.12 10.98 26.11
C TRP A 37 -5.39 10.41 26.77
N ILE A 38 -6.53 10.91 26.35
CA ILE A 38 -7.82 10.44 26.84
C ILE A 38 -8.33 9.42 25.84
N VAL A 39 -8.39 8.13 26.24
CA VAL A 39 -8.85 7.11 25.30
C VAL A 39 -9.58 5.97 26.01
N ASP A 40 -10.74 5.62 25.46
CA ASP A 40 -11.62 4.57 25.93
C ASP A 40 -11.14 3.23 25.33
N ASP A 41 -10.86 2.24 26.17
CA ASP A 41 -10.36 0.91 25.80
C ASP A 41 -11.13 0.21 24.69
N THR A 42 -12.47 0.29 24.69
CA THR A 42 -13.32 -0.32 23.65
C THR A 42 -13.17 0.43 22.32
N LEU A 43 -12.93 1.75 22.36
CA LEU A 43 -12.69 2.60 21.20
C LEU A 43 -11.30 2.28 20.62
N LEU A 44 -10.31 2.01 21.48
CA LEU A 44 -8.96 1.63 21.07
C LEU A 44 -8.96 0.32 20.28
N GLU A 45 -9.85 -0.62 20.68
CA GLU A 45 -9.99 -1.93 20.04
C GLU A 45 -10.54 -1.74 18.64
N THR A 46 -11.52 -0.87 18.47
CA THR A 46 -12.07 -0.58 17.15
C THR A 46 -11.04 0.12 16.25
N LEU A 47 -10.22 1.01 16.84
CA LEU A 47 -9.17 1.71 16.10
C LEU A 47 -8.11 0.71 15.62
N ALA A 48 -7.65 -0.20 16.52
CA ALA A 48 -6.68 -1.23 16.21
C ALA A 48 -7.20 -2.18 15.13
N TYR A 49 -8.46 -2.67 15.29
CA TYR A 49 -9.09 -3.57 14.31
C TYR A 49 -9.09 -2.93 12.90
N LYS A 50 -9.40 -1.64 12.80
CA LYS A 50 -9.48 -0.95 11.53
C LYS A 50 -8.09 -0.82 10.87
N VAL A 51 -7.06 -0.57 11.70
CA VAL A 51 -5.67 -0.42 11.29
C VAL A 51 -5.13 -1.76 10.75
N ASN A 52 -5.40 -2.84 11.47
CA ASN A 52 -4.92 -4.17 11.10
C ASN A 52 -5.45 -4.65 9.74
N THR A 53 -6.73 -4.39 9.46
CA THR A 53 -7.34 -4.80 8.20
C THR A 53 -6.87 -3.92 7.00
N LEU A 54 -6.16 -2.80 7.26
CA LEU A 54 -5.61 -1.97 6.17
C LEU A 54 -4.26 -2.50 5.63
N GLU A 55 -3.60 -3.43 6.37
CA GLU A 55 -2.31 -4.05 6.05
C GLU A 55 -1.27 -3.01 5.61
N LEU A 56 -0.71 -2.30 6.60
CA LEU A 56 0.29 -1.26 6.38
C LEU A 56 1.69 -1.65 6.85
N LYS A 57 1.87 -2.87 7.38
CA LYS A 57 3.14 -3.42 7.88
C LYS A 57 4.40 -3.15 7.00
N ASP A 58 4.26 -3.25 5.67
CA ASP A 58 5.37 -3.08 4.75
C ASP A 58 5.65 -1.65 4.35
N TYR A 59 4.77 -0.68 4.68
CA TYR A 59 4.97 0.71 4.27
C TYR A 59 5.82 1.53 5.25
N GLY A 60 6.30 2.68 4.79
CA GLY A 60 7.09 3.62 5.59
C GLY A 60 6.20 4.66 6.25
N GLU A 61 6.72 5.32 7.28
CA GLU A 61 6.01 6.31 8.09
C GLU A 61 5.07 7.24 7.29
N HIS A 62 5.62 8.00 6.34
CA HIS A 62 4.89 8.97 5.52
C HIS A 62 3.84 8.36 4.58
N VAL A 63 3.97 7.07 4.24
CA VAL A 63 2.98 6.37 3.41
C VAL A 63 1.88 5.74 4.28
N ILE A 64 2.22 5.33 5.51
CA ILE A 64 1.28 4.80 6.49
C ILE A 64 0.28 5.90 6.84
N GLU A 65 0.76 7.15 6.96
CA GLU A 65 -0.03 8.33 7.23
C GLU A 65 -1.09 8.50 6.13
N ARG A 66 -0.64 8.48 4.86
CA ARG A 66 -1.47 8.59 3.68
C ARG A 66 -2.60 7.57 3.67
N LYS A 67 -2.28 6.29 3.92
CA LYS A 67 -3.31 5.24 3.95
C LYS A 67 -4.27 5.36 5.17
N LEU A 68 -3.88 6.10 6.21
CA LEU A 68 -4.75 6.34 7.36
C LEU A 68 -5.78 7.40 6.93
N ASN A 69 -5.33 8.46 6.23
CA ASN A 69 -6.18 9.54 5.72
C ASN A 69 -7.22 9.04 4.72
N GLU A 70 -6.87 8.01 3.95
CA GLU A 70 -7.79 7.38 3.00
C GLU A 70 -8.93 6.59 3.68
N SER A 71 -8.79 6.29 5.00
CA SER A 71 -9.80 5.57 5.78
C SER A 71 -10.76 6.58 6.43
N SER A 72 -12.03 6.44 6.11
CA SER A 72 -13.10 7.32 6.58
C SER A 72 -13.47 7.04 8.02
N GLU A 73 -13.57 5.74 8.37
CA GLU A 73 -13.88 5.29 9.70
C GLU A 73 -12.77 5.67 10.71
N ILE A 74 -11.49 5.63 10.27
CA ILE A 74 -10.36 5.94 11.16
C ILE A 74 -10.32 7.41 11.55
N GLN A 75 -10.59 8.30 10.60
CA GLN A 75 -10.54 9.74 10.88
C GLN A 75 -11.57 10.21 11.90
N GLN A 76 -12.72 9.54 11.98
CA GLN A 76 -13.77 9.87 12.94
C GLN A 76 -13.31 9.56 14.37
N ILE A 77 -12.68 8.40 14.59
CA ILE A 77 -12.18 7.96 15.90
C ILE A 77 -11.01 8.82 16.34
N LEU A 78 -10.10 9.14 15.40
CA LEU A 78 -8.91 9.93 15.68
C LEU A 78 -9.26 11.30 16.28
N LYS A 79 -10.28 11.98 15.76
CA LYS A 79 -10.71 13.30 16.28
C LYS A 79 -11.24 13.25 17.71
N LEU A 80 -11.74 12.09 18.14
CA LEU A 80 -12.21 11.90 19.51
C LEU A 80 -11.08 11.63 20.49
N ILE A 81 -9.87 11.28 20.02
CA ILE A 81 -8.74 10.99 20.90
C ILE A 81 -7.97 12.27 21.15
N GLN A 82 -8.19 12.85 22.33
CA GLN A 82 -7.58 14.12 22.70
C GLN A 82 -6.72 14.03 23.94
N PRO A 83 -5.70 14.91 24.05
CA PRO A 83 -4.81 14.85 25.24
C PRO A 83 -5.50 15.22 26.52
N GLU A 84 -4.92 14.84 27.66
CA GLU A 84 -5.47 15.19 28.96
C GLU A 84 -5.29 16.70 29.20
N GLN A 85 -4.13 17.28 28.76
CA GLN A 85 -3.74 18.69 28.83
C GLN A 85 -3.70 19.25 30.27
N MET B 1 -7.34 26.53 -25.93
CA MET B 1 -6.98 25.32 -25.20
C MET B 1 -5.48 24.99 -25.25
N ASP B 2 -5.03 24.08 -24.36
CA ASP B 2 -3.63 23.69 -24.30
C ASP B 2 -3.41 22.27 -23.76
N PHE B 3 -2.21 21.72 -23.98
CA PHE B 3 -1.79 20.41 -23.50
C PHE B 3 -0.27 20.40 -23.27
N LEU B 4 0.24 19.42 -22.48
CA LEU B 4 1.66 19.27 -22.15
C LEU B 4 2.54 19.33 -23.40
N THR B 5 3.43 20.33 -23.49
CA THR B 5 4.26 20.49 -24.68
C THR B 5 5.53 19.64 -24.65
N SER B 6 6.09 19.36 -25.85
CA SER B 6 7.37 18.65 -25.95
C SER B 6 8.49 19.47 -25.25
N THR B 7 8.33 20.81 -25.15
CA THR B 7 9.26 21.76 -24.56
C THR B 7 9.34 21.57 -23.04
N LEU B 8 8.18 21.42 -22.38
CA LEU B 8 8.12 21.23 -20.93
C LEU B 8 8.69 19.88 -20.54
N LEU B 9 8.33 18.84 -21.31
CA LEU B 9 8.76 17.45 -21.13
C LEU B 9 10.25 17.25 -21.44
N SER B 10 10.79 17.99 -22.43
CA SER B 10 12.21 17.87 -22.80
C SER B 10 13.12 18.24 -21.65
N GLY B 11 12.78 19.30 -20.94
CA GLY B 11 13.54 19.78 -19.79
C GLY B 11 13.42 18.88 -18.58
N ILE B 12 12.25 18.27 -18.38
CA ILE B 12 12.00 17.36 -17.29
C ILE B 12 12.85 16.11 -17.52
N LEU B 13 12.76 15.54 -18.72
CA LEU B 13 13.53 14.35 -19.08
C LEU B 13 15.03 14.64 -19.02
N TYR B 14 15.48 15.81 -19.49
CA TYR B 14 16.91 16.15 -19.45
C TYR B 14 17.46 16.24 -18.00
N ASP B 15 16.69 16.77 -17.05
CA ASP B 15 17.12 16.83 -15.65
C ASP B 15 17.21 15.41 -15.07
N GLY B 16 16.26 14.54 -15.42
CA GLY B 16 16.28 13.16 -14.95
C GLY B 16 17.48 12.41 -15.48
N PHE B 17 17.76 12.60 -16.79
CA PHE B 17 18.89 12.02 -17.49
C PHE B 17 20.22 12.47 -16.91
N LYS B 18 20.31 13.77 -16.57
CA LYS B 18 21.51 14.37 -15.98
C LYS B 18 21.78 13.85 -14.58
N ASN B 19 20.72 13.56 -13.82
CA ASN B 19 20.85 13.10 -12.45
C ASN B 19 20.99 11.60 -12.24
N GLY B 20 20.88 10.79 -13.29
CA GLY B 20 20.96 9.34 -13.17
C GLY B 20 19.67 8.70 -12.68
N VAL B 21 18.54 9.34 -12.96
CA VAL B 21 17.18 8.94 -12.56
C VAL B 21 16.51 8.16 -13.72
N ALA B 22 15.66 7.18 -13.39
CA ALA B 22 14.95 6.41 -14.40
C ALA B 22 13.57 7.04 -14.69
N ILE B 23 13.16 7.11 -15.98
CA ILE B 23 11.86 7.69 -16.34
C ILE B 23 10.82 6.63 -16.08
N THR B 24 10.06 6.79 -15.00
CA THR B 24 9.04 5.85 -14.51
C THR B 24 7.73 6.59 -14.20
N THR B 25 6.65 5.85 -13.94
CA THR B 25 5.33 6.37 -13.54
C THR B 25 5.46 7.41 -12.40
N GLY B 26 6.16 7.01 -11.32
CA GLY B 26 6.37 7.81 -10.13
C GLY B 26 7.25 9.03 -10.33
N PHE B 27 8.26 8.95 -11.21
CA PHE B 27 9.10 10.10 -11.55
C PHE B 27 8.22 11.16 -12.22
N LEU B 28 7.48 10.76 -13.28
CA LEU B 28 6.62 11.64 -14.07
C LEU B 28 5.47 12.23 -13.27
N LYS B 29 4.98 11.51 -12.28
CA LYS B 29 3.90 11.98 -11.41
C LYS B 29 4.40 13.16 -10.56
N GLU B 30 5.60 13.03 -10.01
CA GLU B 30 6.21 14.06 -9.22
C GLU B 30 6.54 15.29 -10.09
N LYS B 31 7.00 15.07 -11.31
CA LYS B 31 7.38 16.17 -12.19
C LYS B 31 6.21 16.83 -12.93
N LEU B 32 5.04 16.18 -13.02
CA LEU B 32 3.93 16.77 -13.75
C LEU B 32 2.78 17.27 -12.87
N HIS B 33 3.13 17.82 -11.69
CA HIS B 33 2.16 18.39 -10.76
CA HIS B 33 2.19 18.42 -10.74
C HIS B 33 1.44 19.56 -11.42
N GLY B 34 0.14 19.64 -11.23
CA GLY B 34 -0.68 20.67 -11.86
C GLY B 34 -1.26 20.26 -13.21
N TRP B 35 -1.18 18.94 -13.53
CA TRP B 35 -1.71 18.39 -14.77
C TRP B 35 -2.67 17.25 -14.47
N ILE B 36 -3.73 17.13 -15.31
CA ILE B 36 -4.75 16.08 -15.19
C ILE B 36 -4.23 14.83 -15.85
N VAL B 37 -3.87 13.84 -15.02
CA VAL B 37 -3.33 12.59 -15.53
C VAL B 37 -3.71 11.40 -14.63
N ASP B 38 -3.57 10.19 -15.17
CA ASP B 38 -3.82 8.97 -14.41
C ASP B 38 -2.59 8.08 -14.55
N ASP B 39 -2.52 7.04 -13.73
CA ASP B 39 -1.40 6.12 -13.73
C ASP B 39 -1.30 5.25 -14.99
N THR B 40 -2.40 5.07 -15.72
CA THR B 40 -2.36 4.29 -16.96
C THR B 40 -1.67 5.11 -18.05
N LEU B 41 -2.00 6.41 -18.13
CA LEU B 41 -1.40 7.32 -19.09
C LEU B 41 0.06 7.67 -18.73
N LEU B 42 0.42 7.61 -17.44
CA LEU B 42 1.77 7.91 -16.96
C LEU B 42 2.78 6.85 -17.36
N GLU B 43 2.42 5.54 -17.23
CA GLU B 43 3.35 4.49 -17.66
C GLU B 43 3.41 4.42 -19.18
N THR B 44 2.32 4.78 -19.89
CA THR B 44 2.31 4.80 -21.35
C THR B 44 3.33 5.82 -21.85
N LEU B 45 3.41 7.00 -21.18
CA LEU B 45 4.36 8.04 -21.53
C LEU B 45 5.77 7.62 -21.23
N ALA B 46 6.02 7.13 -20.00
CA ALA B 46 7.34 6.63 -19.62
C ALA B 46 7.83 5.51 -20.54
N TYR B 47 6.94 4.57 -20.89
CA TYR B 47 7.32 3.45 -21.73
C TYR B 47 7.69 3.93 -23.14
N LYS B 48 6.89 4.83 -23.75
CA LYS B 48 7.19 5.37 -25.08
C LYS B 48 8.51 6.11 -25.06
N VAL B 49 8.71 7.03 -24.08
CA VAL B 49 9.95 7.81 -23.92
C VAL B 49 11.18 6.89 -23.87
N ASN B 50 11.07 5.77 -23.15
CA ASN B 50 12.14 4.79 -23.03
C ASN B 50 12.47 4.11 -24.35
N THR B 51 11.46 3.84 -25.20
CA THR B 51 11.72 3.22 -26.51
C THR B 51 12.47 4.15 -27.48
N LEU B 52 12.40 5.46 -27.25
CA LEU B 52 13.06 6.46 -28.08
C LEU B 52 14.56 6.58 -27.83
N GLU B 53 15.04 6.14 -26.65
CA GLU B 53 16.45 6.14 -26.31
C GLU B 53 17.13 7.52 -26.44
N LEU B 54 16.65 8.48 -25.63
CA LEU B 54 17.06 9.89 -25.64
C LEU B 54 18.05 10.26 -24.54
N LYS B 55 18.52 9.29 -23.75
CA LYS B 55 19.42 9.52 -22.63
C LYS B 55 20.64 10.43 -22.91
N ASP B 56 21.37 10.17 -24.00
CA ASP B 56 22.58 10.93 -24.31
C ASP B 56 22.36 12.30 -24.95
N TYR B 57 21.11 12.71 -25.22
CA TYR B 57 20.90 13.99 -25.88
C TYR B 57 20.70 15.16 -24.92
N GLY B 58 20.82 16.36 -25.44
CA GLY B 58 20.57 17.56 -24.68
C GLY B 58 19.14 18.01 -24.92
N GLU B 59 18.67 18.98 -24.12
CA GLU B 59 17.32 19.53 -24.20
C GLU B 59 16.83 19.82 -25.64
N HIS B 60 17.70 20.39 -26.51
CA HIS B 60 17.33 20.71 -27.90
C HIS B 60 16.90 19.49 -28.69
N VAL B 61 17.79 18.50 -28.87
CA VAL B 61 17.49 17.29 -29.63
C VAL B 61 16.35 16.48 -29.02
N ILE B 62 16.25 16.37 -27.68
CA ILE B 62 15.15 15.63 -27.04
C ILE B 62 13.79 16.16 -27.49
N GLU B 63 13.59 17.48 -27.40
CA GLU B 63 12.36 18.15 -27.84
C GLU B 63 11.95 17.75 -29.27
N ARG B 64 12.90 17.83 -30.21
CA ARG B 64 12.73 17.50 -31.63
C ARG B 64 12.37 16.02 -31.80
N LYS B 65 13.11 15.12 -31.14
CA LYS B 65 12.83 13.69 -31.24
C LYS B 65 11.44 13.33 -30.66
N LEU B 66 10.90 14.17 -29.75
CA LEU B 66 9.55 14.03 -29.20
C LEU B 66 8.52 14.51 -30.23
N ASN B 67 8.83 15.60 -30.94
CA ASN B 67 7.98 16.14 -32.01
C ASN B 67 7.86 15.18 -33.18
N GLU B 68 8.95 14.48 -33.53
CA GLU B 68 8.94 13.52 -34.64
C GLU B 68 8.17 12.21 -34.31
N SER B 69 7.83 11.98 -33.03
CA SER B 69 7.09 10.78 -32.63
C SER B 69 5.60 11.07 -32.59
N SER B 70 4.84 10.54 -33.55
CA SER B 70 3.41 10.78 -33.60
C SER B 70 2.68 10.20 -32.40
N GLU B 71 3.15 9.06 -31.87
CA GLU B 71 2.55 8.43 -30.71
C GLU B 71 2.69 9.30 -29.47
N ILE B 72 3.85 9.95 -29.26
CA ILE B 72 4.03 10.80 -28.10
C ILE B 72 3.18 12.11 -28.21
N GLN B 73 2.88 12.56 -29.45
CA GLN B 73 2.00 13.72 -29.62
C GLN B 73 0.53 13.40 -29.28
N GLN B 74 0.14 12.12 -29.37
CA GLN B 74 -1.19 11.65 -28.99
C GLN B 74 -1.29 11.52 -27.47
N ILE B 75 -0.22 11.07 -26.81
CA ILE B 75 -0.20 10.90 -25.37
C ILE B 75 -0.25 12.24 -24.69
N LEU B 76 0.57 13.21 -25.15
CA LEU B 76 0.58 14.56 -24.59
C LEU B 76 -0.78 15.22 -24.72
N LYS B 77 -1.47 14.97 -25.87
CA LYS B 77 -2.80 15.51 -26.18
C LYS B 77 -3.89 15.11 -25.15
N LEU B 78 -3.65 14.06 -24.38
CA LEU B 78 -4.59 13.64 -23.33
C LEU B 78 -4.14 14.13 -21.93
N ILE B 79 -3.24 15.14 -21.87
CA ILE B 79 -2.73 15.75 -20.64
C ILE B 79 -3.05 17.25 -20.69
N GLN B 80 -4.02 17.71 -19.87
CA GLN B 80 -4.52 19.10 -19.79
C GLN B 80 -4.28 19.69 -18.38
N PRO B 81 -4.15 21.03 -18.26
CA PRO B 81 -3.85 21.61 -16.93
C PRO B 81 -4.98 21.56 -15.89
N GLU B 82 -4.58 21.54 -14.59
CA GLU B 82 -5.39 21.48 -13.35
C GLU B 82 -5.06 20.23 -12.54
N MET C 1 37.64 -8.55 3.32
CA MET C 1 36.98 -8.64 2.01
C MET C 1 35.62 -7.93 2.08
N ASP C 2 35.59 -6.74 2.72
CA ASP C 2 34.39 -5.93 2.95
C ASP C 2 33.82 -5.29 1.70
N PHE C 3 32.49 -5.09 1.69
CA PHE C 3 31.78 -4.42 0.60
C PHE C 3 30.39 -3.92 1.06
N LEU C 4 29.75 -3.05 0.27
CA LEU C 4 28.45 -2.45 0.63
C LEU C 4 27.35 -3.49 0.77
N THR C 5 26.55 -3.36 1.84
CA THR C 5 25.46 -4.30 2.10
C THR C 5 24.07 -3.71 1.89
N SER C 6 23.09 -4.57 1.69
CA SER C 6 21.70 -4.14 1.54
C SER C 6 21.19 -3.48 2.84
N THR C 7 21.71 -3.92 4.02
CA THR C 7 21.42 -3.38 5.35
C THR C 7 21.77 -1.90 5.46
N LEU C 8 22.97 -1.52 4.99
CA LEU C 8 23.40 -0.14 5.04
C LEU C 8 22.67 0.70 3.98
N LEU C 9 22.50 0.16 2.78
CA LEU C 9 21.85 0.86 1.68
C LEU C 9 20.35 1.14 1.96
N SER C 10 19.64 0.19 2.58
CA SER C 10 18.23 0.36 2.95
C SER C 10 18.02 1.56 3.89
N GLY C 11 19.00 1.83 4.75
CA GLY C 11 18.93 2.95 5.66
C GLY C 11 19.18 4.27 4.96
N ILE C 12 20.11 4.27 4.00
CA ILE C 12 20.44 5.46 3.22
C ILE C 12 19.22 5.84 2.38
N LEU C 13 18.62 4.83 1.73
CA LEU C 13 17.46 4.99 0.88
C LEU C 13 16.22 5.41 1.66
N TYR C 14 15.89 4.70 2.74
CA TYR C 14 14.72 5.05 3.56
C TYR C 14 14.79 6.51 4.07
N ASP C 15 15.98 6.98 4.46
CA ASP C 15 16.17 8.35 4.90
C ASP C 15 15.90 9.33 3.77
N GLY C 16 16.34 8.99 2.56
CA GLY C 16 16.13 9.84 1.40
C GLY C 16 14.65 9.93 1.06
N PHE C 17 14.00 8.77 0.96
CA PHE C 17 12.56 8.63 0.68
C PHE C 17 11.71 9.44 1.69
N LYS C 18 12.01 9.30 2.99
CA LYS C 18 11.34 9.97 4.11
C LYS C 18 11.57 11.48 4.06
N ASN C 19 12.76 11.92 3.61
CA ASN C 19 13.07 13.34 3.45
C ASN C 19 12.46 13.96 2.18
N GLY C 20 11.96 13.13 1.27
CA GLY C 20 11.38 13.60 0.03
C GLY C 20 12.35 13.66 -1.12
N VAL C 21 13.66 13.84 -0.82
CA VAL C 21 14.73 13.99 -1.82
C VAL C 21 14.86 12.80 -2.78
N ALA C 22 15.13 13.13 -4.05
CA ALA C 22 15.30 12.11 -5.08
C ALA C 22 16.62 11.34 -4.89
N ILE C 23 16.63 10.06 -5.25
CA ILE C 23 17.83 9.24 -5.16
C ILE C 23 18.62 9.50 -6.42
N THR C 24 19.50 10.52 -6.37
CA THR C 24 20.32 10.87 -7.54
C THR C 24 21.76 10.36 -7.37
N THR C 25 22.62 10.58 -8.40
CA THR C 25 24.03 10.23 -8.37
C THR C 25 24.70 11.03 -7.23
N GLY C 26 24.45 12.35 -7.18
CA GLY C 26 25.04 13.24 -6.19
C GLY C 26 24.61 12.91 -4.77
N PHE C 27 23.35 12.49 -4.61
CA PHE C 27 22.80 12.10 -3.33
C PHE C 27 23.56 10.88 -2.81
N LEU C 28 23.72 9.86 -3.67
CA LEU C 28 24.47 8.66 -3.31
C LEU C 28 25.95 8.95 -3.09
N LYS C 29 26.51 9.93 -3.82
CA LYS C 29 27.92 10.31 -3.63
C LYS C 29 28.14 10.85 -2.22
N GLU C 30 27.25 11.72 -1.78
CA GLU C 30 27.34 12.34 -0.47
C GLU C 30 27.09 11.32 0.65
N LYS C 31 26.08 10.47 0.50
CA LYS C 31 25.75 9.49 1.53
C LYS C 31 26.72 8.33 1.62
N LEU C 32 27.42 8.04 0.52
CA LEU C 32 28.39 6.95 0.48
C LEU C 32 29.83 7.38 0.75
N HIS C 33 30.02 8.42 1.61
CA HIS C 33 31.35 8.86 2.02
CA HIS C 33 31.37 8.86 2.01
C HIS C 33 32.05 7.70 2.75
N GLY C 34 33.35 7.53 2.53
CA GLY C 34 34.09 6.44 3.14
C GLY C 34 34.10 5.15 2.33
N TRP C 35 33.58 5.19 1.09
CA TRP C 35 33.56 4.06 0.15
C TRP C 35 34.23 4.50 -1.15
N ILE C 36 35.04 3.60 -1.76
CA ILE C 36 35.72 3.95 -3.01
C ILE C 36 34.75 3.86 -4.15
N VAL C 37 34.33 5.02 -4.69
CA VAL C 37 33.32 5.02 -5.73
C VAL C 37 33.50 6.16 -6.76
N ASP C 38 33.04 5.95 -8.00
CA ASP C 38 33.10 6.98 -9.03
C ASP C 38 31.70 7.23 -9.64
N ASP C 39 31.53 8.37 -10.34
CA ASP C 39 30.27 8.78 -10.95
C ASP C 39 29.62 7.73 -11.84
N THR C 40 30.42 6.88 -12.51
CA THR C 40 29.89 5.81 -13.35
C THR C 40 29.19 4.71 -12.51
N LEU C 41 29.90 4.20 -11.48
CA LEU C 41 29.41 3.17 -10.55
C LEU C 41 28.19 3.70 -9.75
N LEU C 42 28.22 5.00 -9.39
CA LEU C 42 27.15 5.67 -8.62
C LEU C 42 25.89 5.87 -9.42
N GLU C 43 26.03 6.08 -10.74
CA GLU C 43 24.94 6.25 -11.71
C GLU C 43 24.27 4.91 -11.98
N THR C 44 25.03 3.82 -11.95
CA THR C 44 24.56 2.47 -12.17
C THR C 44 23.71 2.04 -10.99
N LEU C 45 24.16 2.35 -9.75
CA LEU C 45 23.42 1.98 -8.54
C LEU C 45 22.12 2.81 -8.51
N ALA C 46 22.23 4.15 -8.70
CA ALA C 46 21.09 5.07 -8.72
C ALA C 46 20.05 4.67 -9.74
N TYR C 47 20.46 4.33 -10.98
CA TYR C 47 19.51 3.94 -12.00
C TYR C 47 18.72 2.70 -11.60
N LYS C 48 19.40 1.61 -11.24
CA LYS C 48 18.80 0.35 -10.84
C LYS C 48 17.95 0.45 -9.56
N VAL C 49 18.33 1.32 -8.62
CA VAL C 49 17.56 1.50 -7.38
C VAL C 49 16.19 2.16 -7.69
N ASN C 50 16.19 3.11 -8.61
CA ASN C 50 15.03 3.84 -9.07
C ASN C 50 14.06 2.97 -9.88
N THR C 51 14.56 1.91 -10.53
CA THR C 51 13.68 1.01 -11.29
C THR C 51 12.95 0.02 -10.39
N LEU C 52 13.46 -0.28 -9.18
CA LEU C 52 12.79 -1.20 -8.28
C LEU C 52 11.53 -0.61 -7.61
N GLU C 53 11.44 0.75 -7.58
CA GLU C 53 10.37 1.56 -6.97
C GLU C 53 10.10 1.09 -5.54
N LEU C 54 10.98 1.54 -4.64
CA LEU C 54 10.98 1.19 -3.23
C LEU C 54 10.50 2.31 -2.31
N LYS C 55 10.23 3.49 -2.88
CA LYS C 55 9.81 4.75 -2.28
C LYS C 55 8.74 4.64 -1.19
N ASP C 56 7.79 3.70 -1.32
CA ASP C 56 6.68 3.56 -0.38
C ASP C 56 6.99 2.70 0.82
N TYR C 57 7.76 1.63 0.60
CA TYR C 57 8.10 0.63 1.60
C TYR C 57 9.00 1.14 2.76
N GLY C 58 9.03 0.37 3.84
CA GLY C 58 9.82 0.68 5.03
C GLY C 58 11.22 0.10 4.94
N GLU C 59 12.12 0.57 5.80
CA GLU C 59 13.52 0.19 5.79
C GLU C 59 13.80 -1.33 5.76
N HIS C 60 13.12 -2.13 6.60
CA HIS C 60 13.36 -3.57 6.61
C HIS C 60 12.92 -4.24 5.31
N VAL C 61 11.84 -3.75 4.72
CA VAL C 61 11.29 -4.28 3.47
C VAL C 61 12.20 -3.92 2.29
N ILE C 62 12.80 -2.70 2.31
CA ILE C 62 13.75 -2.25 1.29
C ILE C 62 14.97 -3.18 1.33
N GLU C 63 15.47 -3.52 2.54
CA GLU C 63 16.59 -4.45 2.75
C GLU C 63 16.29 -5.77 2.10
N ARG C 64 15.09 -6.30 2.33
CA ARG C 64 14.62 -7.54 1.76
C ARG C 64 14.58 -7.50 0.21
N LYS C 65 14.01 -6.44 -0.37
CA LYS C 65 13.90 -6.28 -1.83
C LYS C 65 15.26 -6.04 -2.54
N LEU C 66 16.22 -5.42 -1.85
CA LEU C 66 17.54 -5.21 -2.43
C LEU C 66 18.23 -6.58 -2.54
N ASN C 67 18.12 -7.42 -1.48
CA ASN C 67 18.65 -8.79 -1.45
C ASN C 67 18.05 -9.64 -2.56
N GLU C 68 16.77 -9.44 -2.86
CA GLU C 68 16.07 -10.19 -3.91
C GLU C 68 16.49 -9.85 -5.34
N SER C 69 17.32 -8.81 -5.50
CA SER C 69 17.79 -8.36 -6.81
C SER C 69 19.26 -8.79 -7.04
N SER C 70 19.48 -9.73 -7.99
CA SER C 70 20.83 -10.17 -8.35
C SER C 70 21.63 -9.01 -8.94
N GLU C 71 20.98 -8.22 -9.77
CA GLU C 71 21.50 -7.02 -10.43
C GLU C 71 22.11 -6.01 -9.40
N ILE C 72 21.45 -5.82 -8.23
CA ILE C 72 21.89 -4.96 -7.12
C ILE C 72 23.09 -5.58 -6.41
N GLN C 73 23.04 -6.89 -6.18
CA GLN C 73 24.13 -7.63 -5.53
C GLN C 73 25.42 -7.62 -6.38
N GLN C 74 25.29 -7.45 -7.70
CA GLN C 74 26.42 -7.34 -8.61
C GLN C 74 27.15 -6.00 -8.41
N ILE C 75 26.42 -4.89 -8.34
CA ILE C 75 26.99 -3.56 -8.15
C ILE C 75 27.60 -3.43 -6.75
N LEU C 76 26.92 -3.95 -5.72
CA LEU C 76 27.39 -3.86 -4.35
C LEU C 76 28.73 -4.50 -4.16
N LYS C 77 28.99 -5.62 -4.83
CA LYS C 77 30.28 -6.32 -4.75
C LYS C 77 31.47 -5.47 -5.17
N LEU C 78 31.23 -4.42 -5.97
CA LEU C 78 32.24 -3.50 -6.50
C LEU C 78 32.43 -2.23 -5.65
N ILE C 79 31.64 -2.06 -4.58
CA ILE C 79 31.73 -0.90 -3.67
C ILE C 79 32.42 -1.33 -2.39
N GLN C 80 33.71 -1.02 -2.29
CA GLN C 80 34.52 -1.42 -1.16
C GLN C 80 34.89 -0.23 -0.30
N PRO C 81 35.15 -0.46 1.01
CA PRO C 81 35.47 0.69 1.89
C PRO C 81 36.90 1.15 1.79
N GLU C 82 37.14 2.39 2.20
CA GLU C 82 38.50 2.91 2.27
C GLU C 82 39.23 2.16 3.41
N GLN C 83 40.53 1.93 3.25
CA GLN C 83 41.33 1.25 4.28
C GLN C 83 41.31 2.08 5.56
N ASN C 84 41.14 1.41 6.71
CA ASN C 84 41.09 2.02 8.03
C ASN C 84 40.86 0.95 9.13
N GLY D 1 -22.19 -32.37 25.02
CA GLY D 1 -22.84 -31.58 26.05
C GLY D 1 -23.67 -30.43 25.51
N MET D 2 -23.10 -29.63 24.58
CA MET D 2 -23.76 -28.47 23.96
C MET D 2 -23.20 -28.18 22.55
N ASP D 3 -23.99 -27.48 21.70
CA ASP D 3 -23.49 -27.14 20.37
C ASP D 3 -23.13 -25.66 20.24
N PHE D 4 -21.87 -25.42 19.95
CA PHE D 4 -21.29 -24.11 19.77
C PHE D 4 -20.11 -24.21 18.78
N LEU D 5 -19.66 -23.06 18.27
CA LEU D 5 -18.54 -23.04 17.34
C LEU D 5 -17.26 -23.55 17.99
N THR D 6 -16.42 -24.25 17.24
CA THR D 6 -15.16 -24.81 17.76
C THR D 6 -13.95 -24.16 17.07
N SER D 7 -12.74 -24.34 17.67
CA SER D 7 -11.49 -23.85 17.12
C SER D 7 -11.22 -24.52 15.78
N THR D 8 -11.52 -25.84 15.67
CA THR D 8 -11.29 -26.60 14.45
C THR D 8 -12.15 -26.10 13.28
N LEU D 9 -13.43 -25.81 13.51
CA LEU D 9 -14.30 -25.31 12.44
C LEU D 9 -13.97 -23.88 12.09
N LEU D 10 -13.52 -23.08 13.07
CA LEU D 10 -13.11 -21.71 12.83
C LEU D 10 -11.84 -21.71 11.99
N SER D 11 -10.87 -22.58 12.32
CA SER D 11 -9.64 -22.68 11.55
C SER D 11 -9.87 -23.00 10.09
N GLY D 12 -10.89 -23.80 9.80
CA GLY D 12 -11.26 -24.08 8.42
C GLY D 12 -11.82 -22.89 7.69
N ILE D 13 -12.62 -22.07 8.37
CA ILE D 13 -13.21 -20.84 7.80
C ILE D 13 -12.13 -19.77 7.58
N LEU D 14 -11.20 -19.64 8.54
CA LEU D 14 -10.11 -18.67 8.43
C LEU D 14 -9.17 -19.08 7.28
N TYR D 15 -8.89 -20.40 7.14
CA TYR D 15 -8.01 -20.91 6.08
C TYR D 15 -8.60 -20.66 4.71
N ASP D 16 -9.91 -20.82 4.57
CA ASP D 16 -10.56 -20.57 3.30
C ASP D 16 -10.42 -19.08 2.88
N GLY D 17 -10.36 -18.17 3.85
CA GLY D 17 -10.18 -16.75 3.63
C GLY D 17 -8.80 -16.47 3.14
N PHE D 18 -7.80 -16.92 3.89
CA PHE D 18 -6.38 -16.79 3.56
C PHE D 18 -6.07 -17.36 2.17
N LYS D 19 -6.61 -18.56 1.86
CA LYS D 19 -6.41 -19.25 0.59
C LYS D 19 -6.84 -18.41 -0.61
N ASN D 20 -7.96 -17.70 -0.49
CA ASN D 20 -8.47 -16.88 -1.58
C ASN D 20 -8.07 -15.39 -1.51
N GLY D 21 -7.06 -15.07 -0.69
CA GLY D 21 -6.58 -13.71 -0.49
C GLY D 21 -7.67 -12.78 0.00
N VAL D 22 -8.41 -13.23 1.01
CA VAL D 22 -9.53 -12.46 1.54
C VAL D 22 -9.19 -11.96 2.93
N ALA D 23 -9.48 -10.69 3.20
CA ALA D 23 -9.24 -10.08 4.49
C ALA D 23 -10.27 -10.60 5.50
N ILE D 24 -9.84 -10.91 6.74
CA ILE D 24 -10.74 -11.37 7.77
C ILE D 24 -11.34 -10.14 8.40
N THR D 25 -12.55 -9.81 8.01
CA THR D 25 -13.27 -8.66 8.54
C THR D 25 -14.55 -9.13 9.30
N THR D 26 -15.32 -8.19 9.88
CA THR D 26 -16.58 -8.51 10.56
C THR D 26 -17.54 -9.18 9.54
N GLY D 27 -17.64 -8.58 8.35
CA GLY D 27 -18.49 -9.07 7.29
C GLY D 27 -18.10 -10.43 6.77
N PHE D 28 -16.80 -10.72 6.70
CA PHE D 28 -16.30 -12.02 6.25
C PHE D 28 -16.79 -13.11 7.20
N LEU D 29 -16.68 -12.86 8.51
CA LEU D 29 -17.09 -13.84 9.51
C LEU D 29 -18.60 -14.01 9.54
N LYS D 30 -19.35 -12.93 9.28
CA LYS D 30 -20.80 -12.91 9.26
C LYS D 30 -21.29 -13.82 8.13
N GLU D 31 -20.76 -13.61 6.91
CA GLU D 31 -21.07 -14.35 5.70
C GLU D 31 -20.72 -15.85 5.82
N LYS D 32 -19.62 -16.18 6.50
CA LYS D 32 -19.21 -17.57 6.69
C LYS D 32 -19.94 -18.28 7.85
N LEU D 33 -20.62 -17.51 8.72
CA LEU D 33 -21.29 -18.10 9.87
C LEU D 33 -22.79 -18.09 9.75
N HIS D 34 -23.33 -18.21 8.52
CA HIS D 34 -24.79 -18.29 8.31
C HIS D 34 -25.31 -19.57 8.96
N GLY D 35 -26.41 -19.45 9.69
CA GLY D 35 -26.97 -20.56 10.43
C GLY D 35 -26.60 -20.56 11.91
N TRP D 36 -25.72 -19.62 12.33
CA TRP D 36 -25.34 -19.45 13.73
C TRP D 36 -25.88 -18.11 14.24
N ILE D 37 -26.03 -18.00 15.56
CA ILE D 37 -26.48 -16.77 16.17
C ILE D 37 -25.27 -15.95 16.61
N VAL D 38 -25.07 -14.78 16.00
CA VAL D 38 -23.96 -13.90 16.37
C VAL D 38 -24.25 -12.43 16.01
N ASP D 39 -24.00 -11.53 16.97
CA ASP D 39 -24.19 -10.09 16.74
C ASP D 39 -22.92 -9.47 16.12
N ASP D 40 -23.05 -8.29 15.51
CA ASP D 40 -21.92 -7.63 14.86
C ASP D 40 -20.83 -7.13 15.84
N THR D 41 -21.20 -6.91 17.11
CA THR D 41 -20.27 -6.44 18.15
C THR D 41 -19.26 -7.54 18.48
N LEU D 42 -19.77 -8.75 18.69
CA LEU D 42 -18.94 -9.91 19.02
C LEU D 42 -18.09 -10.33 17.81
N LEU D 43 -18.62 -10.17 16.59
CA LEU D 43 -17.92 -10.48 15.35
C LEU D 43 -16.70 -9.60 15.21
N GLU D 44 -16.84 -8.29 15.54
CA GLU D 44 -15.74 -7.33 15.45
C GLU D 44 -14.65 -7.64 16.45
N THR D 45 -15.02 -8.09 17.65
CA THR D 45 -14.03 -8.50 18.64
C THR D 45 -13.29 -9.75 18.15
N LEU D 46 -14.03 -10.75 17.64
CA LEU D 46 -13.43 -11.98 17.14
C LEU D 46 -12.48 -11.70 15.99
N ALA D 47 -12.91 -10.87 15.01
CA ALA D 47 -12.04 -10.52 13.89
C ALA D 47 -10.82 -9.76 14.38
N TYR D 48 -10.96 -8.92 15.43
CA TYR D 48 -9.84 -8.19 16.01
C TYR D 48 -8.84 -9.22 16.59
N LYS D 49 -9.28 -10.07 17.54
CA LYS D 49 -8.43 -11.07 18.17
C LYS D 49 -7.68 -11.94 17.16
N VAL D 50 -8.39 -12.51 16.19
CA VAL D 50 -7.80 -13.36 15.15
C VAL D 50 -6.69 -12.63 14.38
N ASN D 51 -6.93 -11.36 14.02
CA ASN D 51 -5.97 -10.56 13.26
C ASN D 51 -4.71 -10.25 14.02
N THR D 52 -4.79 -10.10 15.34
CA THR D 52 -3.58 -9.86 16.13
C THR D 52 -2.65 -11.08 16.20
N LEU D 53 -3.17 -12.29 15.89
CA LEU D 53 -2.40 -13.52 15.97
C LEU D 53 -1.45 -13.79 14.80
N GLU D 54 -1.64 -13.10 13.67
CA GLU D 54 -0.80 -13.32 12.47
C GLU D 54 -0.85 -14.80 12.02
N LEU D 55 -1.99 -15.19 11.45
CA LEU D 55 -2.22 -16.59 11.04
C LEU D 55 -2.11 -16.84 9.54
N LYS D 56 -2.08 -15.77 8.74
CA LYS D 56 -2.04 -15.72 7.28
C LYS D 56 -1.23 -16.84 6.58
N ASP D 57 0.00 -17.11 7.02
CA ASP D 57 0.86 -18.07 6.33
C ASP D 57 0.72 -19.52 6.77
N TYR D 58 -0.28 -19.84 7.58
CA TYR D 58 -0.38 -21.20 8.11
C TYR D 58 -1.53 -22.07 7.54
N GLY D 59 -1.38 -23.37 7.78
CA GLY D 59 -2.30 -24.43 7.42
C GLY D 59 -3.17 -24.78 8.61
N GLU D 60 -4.38 -25.26 8.35
CA GLU D 60 -5.42 -25.59 9.33
C GLU D 60 -4.92 -26.06 10.71
N HIS D 61 -3.99 -27.02 10.79
CA HIS D 61 -3.51 -27.52 12.09
C HIS D 61 -2.78 -26.48 12.94
N VAL D 62 -1.92 -25.67 12.31
CA VAL D 62 -1.21 -24.62 13.04
C VAL D 62 -2.23 -23.54 13.48
N ILE D 63 -3.12 -23.11 12.57
CA ILE D 63 -4.15 -22.12 12.87
C ILE D 63 -5.00 -22.53 14.07
N GLU D 64 -5.46 -23.78 14.11
CA GLU D 64 -6.28 -24.31 15.20
C GLU D 64 -5.51 -24.32 16.53
N ARG D 65 -4.22 -24.64 16.49
CA ARG D 65 -3.40 -24.66 17.71
C ARG D 65 -3.23 -23.26 18.29
N LYS D 66 -3.07 -22.24 17.43
CA LYS D 66 -2.90 -20.86 17.89
C LYS D 66 -4.19 -20.29 18.46
N LEU D 67 -5.34 -20.67 17.87
CA LEU D 67 -6.65 -20.24 18.37
C LEU D 67 -6.90 -20.81 19.78
N ASN D 68 -6.48 -22.06 20.00
CA ASN D 68 -6.62 -22.74 21.29
C ASN D 68 -5.83 -22.09 22.42
N GLU D 69 -4.81 -21.30 22.10
CA GLU D 69 -4.00 -20.57 23.08
C GLU D 69 -4.70 -19.33 23.62
N SER D 70 -5.67 -18.78 22.89
CA SER D 70 -6.35 -17.57 23.35
C SER D 70 -7.60 -17.91 24.13
N SER D 71 -7.58 -17.68 25.46
CA SER D 71 -8.74 -17.92 26.31
C SER D 71 -9.92 -17.04 25.90
N GLU D 72 -9.64 -15.82 25.39
CA GLU D 72 -10.67 -14.91 24.90
C GLU D 72 -11.39 -15.49 23.67
N ILE D 73 -10.65 -16.08 22.72
CA ILE D 73 -11.27 -16.67 21.54
C ILE D 73 -12.20 -17.82 21.94
N GLN D 74 -11.71 -18.66 22.86
CA GLN D 74 -12.45 -19.79 23.37
C GLN D 74 -13.75 -19.38 24.02
N GLN D 75 -13.71 -18.31 24.81
CA GLN D 75 -14.89 -17.81 25.48
C GLN D 75 -15.85 -17.19 24.46
N ILE D 76 -15.33 -16.47 23.47
CA ILE D 76 -16.15 -15.91 22.40
C ILE D 76 -16.92 -17.02 21.66
N LEU D 77 -16.26 -18.14 21.37
CA LEU D 77 -16.85 -19.28 20.67
C LEU D 77 -18.06 -19.87 21.41
N LYS D 78 -18.02 -19.92 22.74
CA LYS D 78 -19.12 -20.46 23.53
C LYS D 78 -20.41 -19.62 23.48
N LEU D 79 -20.33 -18.38 22.98
CA LEU D 79 -21.47 -17.49 22.76
C LEU D 79 -22.08 -17.66 21.34
N ILE D 80 -21.36 -18.37 20.44
CA ILE D 80 -21.78 -18.63 19.08
C ILE D 80 -22.44 -20.01 19.02
N GLN D 81 -23.76 -20.02 19.09
CA GLN D 81 -24.57 -21.23 19.04
C GLN D 81 -25.44 -21.19 17.79
N PRO D 82 -25.82 -22.34 17.20
CA PRO D 82 -26.61 -22.31 15.96
C PRO D 82 -28.07 -21.89 16.12
N GLU D 83 -28.65 -21.28 15.07
CA GLU D 83 -30.05 -20.88 15.04
C GLU D 83 -30.97 -22.10 15.20
N GLN D 84 -32.16 -21.90 15.78
CA GLN D 84 -33.10 -22.99 15.98
C GLN D 84 -34.29 -22.89 15.05
N ASN D 85 -34.43 -23.88 14.16
CA ASN D 85 -35.52 -24.01 13.18
C ASN D 85 -35.59 -22.85 12.17
N MET E 1 -18.03 24.20 -14.48
CA MET E 1 -18.88 24.57 -13.34
C MET E 1 -19.85 23.45 -12.97
N ASP E 2 -19.33 22.21 -12.85
CA ASP E 2 -20.15 21.04 -12.50
C ASP E 2 -20.16 20.81 -10.99
N PHE E 3 -21.33 20.46 -10.43
CA PHE E 3 -21.42 20.18 -8.99
C PHE E 3 -22.56 19.20 -8.67
N LEU E 4 -22.53 18.63 -7.45
CA LEU E 4 -23.50 17.62 -7.00
C LEU E 4 -24.92 18.17 -6.91
N THR E 5 -25.89 17.44 -7.48
CA THR E 5 -27.28 17.90 -7.49
C THR E 5 -28.15 17.18 -6.43
N SER E 6 -29.36 17.72 -6.16
CA SER E 6 -30.36 17.12 -5.28
C SER E 6 -30.81 15.79 -5.86
N THR E 7 -30.94 15.71 -7.20
CA THR E 7 -31.32 14.52 -7.95
C THR E 7 -30.36 13.39 -7.68
N LEU E 8 -29.04 13.61 -7.92
CA LEU E 8 -27.98 12.62 -7.71
C LEU E 8 -27.93 12.11 -6.25
N LEU E 9 -27.96 13.05 -5.27
CA LEU E 9 -27.94 12.71 -3.84
C LEU E 9 -29.20 11.93 -3.42
N SER E 10 -30.40 12.30 -3.90
CA SER E 10 -31.63 11.61 -3.54
C SER E 10 -31.59 10.14 -3.86
N GLY E 11 -30.98 9.78 -4.98
CA GLY E 11 -30.82 8.38 -5.36
C GLY E 11 -29.85 7.64 -4.47
N ILE E 12 -28.80 8.32 -4.03
CA ILE E 12 -27.78 7.76 -3.13
C ILE E 12 -28.39 7.53 -1.75
N LEU E 13 -29.16 8.51 -1.26
CA LEU E 13 -29.80 8.37 0.04
C LEU E 13 -30.92 7.33 -0.04
N TYR E 14 -31.72 7.30 -1.14
CA TYR E 14 -32.79 6.29 -1.24
C TYR E 14 -32.19 4.87 -1.21
N ASP E 15 -31.06 4.69 -1.90
CA ASP E 15 -30.32 3.44 -1.97
C ASP E 15 -29.77 3.05 -0.59
N GLY E 16 -29.30 4.04 0.16
CA GLY E 16 -28.75 3.85 1.50
C GLY E 16 -29.77 3.37 2.50
N PHE E 17 -30.89 4.10 2.63
CA PHE E 17 -31.98 3.71 3.52
C PHE E 17 -32.68 2.40 3.05
N LYS E 18 -32.54 2.03 1.75
CA LYS E 18 -33.12 0.84 1.15
C LYS E 18 -32.52 -0.44 1.71
N ASN E 19 -31.18 -0.59 1.67
CA ASN E 19 -30.55 -1.81 2.19
C ASN E 19 -30.43 -1.84 3.73
N GLY E 20 -31.14 -0.95 4.42
CA GLY E 20 -31.05 -0.84 5.87
C GLY E 20 -29.71 -0.35 6.39
N VAL E 21 -28.79 0.06 5.49
CA VAL E 21 -27.44 0.53 5.81
C VAL E 21 -27.47 2.00 6.28
N ALA E 22 -26.76 2.31 7.39
CA ALA E 22 -26.69 3.66 7.96
C ALA E 22 -25.97 4.63 7.04
N ILE E 23 -26.42 5.90 7.03
CA ILE E 23 -25.79 6.91 6.20
C ILE E 23 -24.59 7.42 6.97
N THR E 24 -23.49 6.72 6.79
CA THR E 24 -22.24 7.00 7.47
C THR E 24 -21.30 7.82 6.59
N THR E 25 -20.24 8.36 7.19
CA THR E 25 -19.25 9.16 6.50
C THR E 25 -18.55 8.35 5.38
N GLY E 26 -18.34 7.05 5.61
CA GLY E 26 -17.71 6.17 4.63
C GLY E 26 -18.65 5.74 3.53
N PHE E 27 -19.93 5.62 3.84
CA PHE E 27 -20.94 5.30 2.84
C PHE E 27 -21.05 6.47 1.87
N LEU E 28 -21.12 7.70 2.39
CA LEU E 28 -21.21 8.88 1.56
C LEU E 28 -19.94 9.10 0.77
N LYS E 29 -18.77 8.80 1.34
CA LYS E 29 -17.49 8.93 0.64
C LYS E 29 -17.41 7.93 -0.51
N GLU E 30 -17.83 6.67 -0.25
CA GLU E 30 -17.81 5.59 -1.23
C GLU E 30 -18.80 5.91 -2.36
N LYS E 31 -20.05 6.26 -2.01
CA LYS E 31 -21.06 6.59 -3.00
C LYS E 31 -20.78 7.88 -3.75
N LEU E 32 -20.00 8.81 -3.17
CA LEU E 32 -19.65 10.06 -3.86
C LEU E 32 -18.26 9.99 -4.52
N HIS E 33 -17.91 8.85 -5.13
CA HIS E 33 -16.62 8.72 -5.84
C HIS E 33 -16.69 9.67 -7.07
N GLY E 34 -15.58 10.31 -7.40
CA GLY E 34 -15.57 11.30 -8.47
C GLY E 34 -15.96 12.70 -8.01
N TRP E 35 -16.06 12.91 -6.70
CA TRP E 35 -16.37 14.21 -6.13
C TRP E 35 -15.38 14.46 -4.99
N ILE E 36 -14.88 15.70 -4.89
CA ILE E 36 -13.96 16.05 -3.82
C ILE E 36 -14.76 16.51 -2.59
N VAL E 37 -14.79 15.63 -1.59
CA VAL E 37 -15.50 15.93 -0.36
C VAL E 37 -14.60 15.51 0.79
N ASP E 38 -14.07 16.52 1.51
CA ASP E 38 -13.15 16.33 2.64
C ASP E 38 -13.87 15.70 3.83
N ASP E 39 -13.13 15.28 4.88
CA ASP E 39 -13.72 14.66 6.06
C ASP E 39 -14.65 15.54 6.90
N THR E 40 -14.31 16.83 7.09
CA THR E 40 -15.15 17.72 7.89
C THR E 40 -16.50 17.99 7.18
N LEU E 41 -16.45 18.25 5.86
CA LEU E 41 -17.67 18.44 5.09
C LEU E 41 -18.47 17.12 5.02
N LEU E 42 -17.77 15.97 4.94
CA LEU E 42 -18.40 14.66 4.93
C LEU E 42 -19.30 14.44 6.16
N GLU E 43 -18.78 14.76 7.38
CA GLU E 43 -19.53 14.63 8.65
C GLU E 43 -20.68 15.64 8.76
N THR E 44 -20.54 16.79 8.09
CA THR E 44 -21.58 17.81 8.11
C THR E 44 -22.78 17.34 7.28
N LEU E 45 -22.51 16.87 6.07
CA LEU E 45 -23.57 16.35 5.20
C LEU E 45 -24.21 15.13 5.81
N ALA E 46 -23.41 14.25 6.44
CA ALA E 46 -23.92 13.04 7.09
C ALA E 46 -24.84 13.37 8.24
N TYR E 47 -24.51 14.40 9.01
CA TYR E 47 -25.32 14.84 10.14
C TYR E 47 -26.62 15.44 9.64
N LYS E 48 -26.54 16.36 8.68
CA LYS E 48 -27.70 17.04 8.11
C LYS E 48 -28.69 16.08 7.47
N VAL E 49 -28.18 15.13 6.70
CA VAL E 49 -28.99 14.14 5.98
C VAL E 49 -29.76 13.22 6.96
N ASN E 50 -29.17 12.94 8.13
CA ASN E 50 -29.82 12.10 9.14
C ASN E 50 -30.81 12.84 10.04
N THR E 51 -30.98 14.16 9.85
CA THR E 51 -31.88 14.96 10.67
C THR E 51 -32.97 15.67 9.88
N LEU E 52 -33.03 15.48 8.57
CA LEU E 52 -34.10 16.09 7.75
C LEU E 52 -35.30 15.15 7.54
N GLU E 53 -35.30 13.96 8.18
CA GLU E 53 -36.35 12.96 8.08
C GLU E 53 -36.61 12.58 6.63
N LEU E 54 -35.69 11.79 6.08
CA LEU E 54 -35.75 11.30 4.71
C LEU E 54 -35.89 9.78 4.68
N LYS E 55 -35.46 9.08 5.76
CA LYS E 55 -35.46 7.63 5.97
C LYS E 55 -36.69 6.89 5.44
N ASP E 56 -37.90 7.42 5.69
CA ASP E 56 -39.12 6.73 5.31
C ASP E 56 -39.69 7.01 3.94
N TYR E 57 -39.28 8.11 3.31
CA TYR E 57 -39.89 8.54 2.06
C TYR E 57 -39.17 8.02 0.79
N GLY E 58 -39.84 8.16 -0.35
CA GLY E 58 -39.33 7.67 -1.63
C GLY E 58 -38.35 8.61 -2.27
N GLU E 59 -37.56 8.09 -3.24
CA GLU E 59 -36.55 8.85 -3.97
C GLU E 59 -37.00 10.22 -4.47
N HIS E 60 -38.23 10.33 -5.01
CA HIS E 60 -38.71 11.61 -5.53
C HIS E 60 -39.12 12.61 -4.44
N VAL E 61 -39.52 12.09 -3.27
CA VAL E 61 -39.91 12.92 -2.12
C VAL E 61 -38.63 13.44 -1.48
N ILE E 62 -37.64 12.56 -1.26
CA ILE E 62 -36.34 12.91 -0.71
C ILE E 62 -35.69 14.10 -1.46
N GLU E 63 -35.79 14.14 -2.79
CA GLU E 63 -35.22 15.19 -3.63
C GLU E 63 -35.89 16.51 -3.34
N ARG E 64 -37.22 16.50 -3.27
CA ARG E 64 -38.01 17.70 -2.96
C ARG E 64 -37.61 18.25 -1.58
N LYS E 65 -37.42 17.38 -0.56
CA LYS E 65 -37.02 17.80 0.78
C LYS E 65 -35.57 18.33 0.81
N LEU E 66 -34.66 17.72 0.02
CA LEU E 66 -33.28 18.15 -0.11
C LEU E 66 -33.23 19.54 -0.74
N ASN E 67 -34.12 19.81 -1.73
CA ASN E 67 -34.20 21.12 -2.38
C ASN E 67 -34.67 22.25 -1.45
N GLU E 68 -35.44 21.90 -0.41
CA GLU E 68 -35.96 22.83 0.60
C GLU E 68 -34.93 23.18 1.66
N SER E 69 -33.93 22.34 1.87
CA SER E 69 -32.91 22.61 2.88
C SER E 69 -31.85 23.49 2.26
N SER E 70 -31.69 24.73 2.77
CA SER E 70 -30.64 25.62 2.24
C SER E 70 -29.24 25.19 2.75
N GLU E 71 -29.15 24.48 3.91
CA GLU E 71 -27.86 23.97 4.39
C GLU E 71 -27.35 22.86 3.47
N ILE E 72 -28.26 22.01 2.95
CA ILE E 72 -27.95 20.95 1.98
C ILE E 72 -27.49 21.63 0.70
N GLN E 73 -28.23 22.64 0.23
CA GLN E 73 -27.88 23.34 -0.99
C GLN E 73 -26.54 24.10 -0.93
N GLN E 74 -26.14 24.55 0.28
CA GLN E 74 -24.85 25.20 0.49
C GLN E 74 -23.73 24.14 0.41
N ILE E 75 -23.91 22.98 1.09
CA ILE E 75 -22.97 21.86 1.09
C ILE E 75 -22.79 21.35 -0.35
N LEU E 76 -23.87 21.27 -1.13
CA LEU E 76 -23.76 20.85 -2.54
C LEU E 76 -22.87 21.79 -3.33
N LYS E 77 -22.96 23.11 -3.13
CA LYS E 77 -22.11 24.09 -3.82
C LYS E 77 -20.62 23.97 -3.43
N LEU E 78 -20.32 23.39 -2.27
CA LEU E 78 -18.94 23.22 -1.82
C LEU E 78 -18.23 22.01 -2.45
N ILE E 79 -19.00 21.09 -3.08
CA ILE E 79 -18.52 19.85 -3.64
C ILE E 79 -18.25 19.93 -5.14
N GLN E 80 -16.96 19.87 -5.51
CA GLN E 80 -16.49 19.94 -6.90
C GLN E 80 -16.03 18.55 -7.43
N PRO E 81 -15.96 18.34 -8.77
CA PRO E 81 -15.56 17.01 -9.27
C PRO E 81 -14.05 16.75 -9.45
N GLU E 82 -13.62 15.46 -9.31
CA GLU E 82 -12.22 15.07 -9.48
C GLU E 82 -11.76 15.10 -10.94
N GLY F 1 0.31 -4.29 -42.59
CA GLY F 1 0.33 -2.94 -42.03
C GLY F 1 1.30 -2.80 -40.86
N MET F 2 0.89 -2.04 -39.82
CA MET F 2 1.75 -1.87 -38.65
C MET F 2 1.57 -3.09 -37.76
N ASP F 3 2.69 -3.69 -37.34
CA ASP F 3 2.63 -4.90 -36.53
C ASP F 3 2.71 -4.65 -35.05
N PHE F 4 1.57 -4.35 -34.47
CA PHE F 4 1.39 -4.16 -33.03
C PHE F 4 0.16 -4.98 -32.58
N LEU F 5 0.00 -5.18 -31.26
CA LEU F 5 -1.11 -5.95 -30.72
C LEU F 5 -2.47 -5.31 -31.03
N THR F 6 -3.41 -6.08 -31.58
CA THR F 6 -4.73 -5.55 -31.93
C THR F 6 -5.80 -5.90 -30.90
N SER F 7 -6.93 -5.14 -30.90
CA SER F 7 -8.06 -5.39 -30.02
C SER F 7 -8.65 -6.77 -30.30
N THR F 8 -8.61 -7.20 -31.58
CA THR F 8 -9.10 -8.49 -32.03
C THR F 8 -8.30 -9.61 -31.33
N LEU F 9 -6.97 -9.54 -31.41
CA LEU F 9 -6.14 -10.55 -30.81
C LEU F 9 -6.24 -10.54 -29.31
N LEU F 10 -6.20 -9.36 -28.71
CA LEU F 10 -6.30 -9.25 -27.26
C LEU F 10 -7.65 -9.77 -26.75
N SER F 11 -8.75 -9.53 -27.47
CA SER F 11 -10.07 -9.99 -27.06
C SER F 11 -10.21 -11.51 -26.99
N GLY F 12 -9.41 -12.23 -27.77
CA GLY F 12 -9.39 -13.69 -27.74
C GLY F 12 -8.58 -14.20 -26.56
N ILE F 13 -7.49 -13.48 -26.25
CA ILE F 13 -6.64 -13.75 -25.11
C ILE F 13 -7.46 -13.56 -23.83
N LEU F 14 -8.28 -12.51 -23.77
CA LEU F 14 -9.10 -12.25 -22.60
C LEU F 14 -10.23 -13.26 -22.51
N TYR F 15 -10.94 -13.52 -23.63
CA TYR F 15 -12.06 -14.48 -23.65
C TYR F 15 -11.66 -15.85 -23.17
N ASP F 16 -10.47 -16.31 -23.53
CA ASP F 16 -10.00 -17.61 -23.08
C ASP F 16 -9.88 -17.69 -21.58
N GLY F 17 -9.32 -16.64 -20.96
CA GLY F 17 -9.16 -16.56 -19.52
C GLY F 17 -10.48 -16.43 -18.78
N PHE F 18 -11.45 -15.72 -19.38
CA PHE F 18 -12.77 -15.52 -18.78
C PHE F 18 -13.56 -16.83 -18.72
N LYS F 19 -13.47 -17.63 -19.79
CA LYS F 19 -14.14 -18.92 -19.98
C LYS F 19 -13.68 -19.95 -18.96
N ASN F 20 -12.40 -19.93 -18.62
CA ASN F 20 -11.83 -20.88 -17.67
C ASN F 20 -11.75 -20.38 -16.22
N GLY F 21 -12.45 -19.27 -15.90
CA GLY F 21 -12.43 -18.69 -14.56
C GLY F 21 -11.05 -18.26 -14.08
N VAL F 22 -10.23 -17.73 -14.99
CA VAL F 22 -8.86 -17.29 -14.71
C VAL F 22 -8.79 -15.76 -14.60
N ALA F 23 -8.14 -15.25 -13.54
CA ALA F 23 -8.01 -13.82 -13.30
C ALA F 23 -6.99 -13.16 -14.21
N ILE F 24 -7.32 -11.98 -14.73
CA ILE F 24 -6.44 -11.19 -15.59
C ILE F 24 -5.31 -10.62 -14.73
N THR F 25 -4.18 -11.33 -14.63
CA THR F 25 -3.04 -10.87 -13.85
C THR F 25 -1.85 -10.47 -14.76
N THR F 26 -0.76 -9.94 -14.18
CA THR F 26 0.45 -9.56 -14.90
C THR F 26 1.05 -10.82 -15.53
N GLY F 27 1.15 -11.90 -14.74
CA GLY F 27 1.69 -13.17 -15.17
C GLY F 27 0.88 -13.84 -16.26
N PHE F 28 -0.46 -13.68 -16.23
CA PHE F 28 -1.36 -14.23 -17.23
C PHE F 28 -1.05 -13.60 -18.56
N LEU F 29 -0.95 -12.25 -18.59
CA LEU F 29 -0.65 -11.53 -19.83
C LEU F 29 0.75 -11.84 -20.30
N LYS F 30 1.72 -12.00 -19.39
CA LYS F 30 3.10 -12.34 -19.74
C LYS F 30 3.13 -13.70 -20.45
N GLU F 31 2.37 -14.67 -19.91
CA GLU F 31 2.26 -16.03 -20.42
C GLU F 31 1.54 -16.09 -21.78
N LYS F 32 0.40 -15.42 -21.93
CA LYS F 32 -0.34 -15.45 -23.19
C LYS F 32 0.26 -14.53 -24.27
N LEU F 33 1.13 -13.58 -23.88
CA LEU F 33 1.78 -12.69 -24.83
C LEU F 33 3.25 -13.01 -24.99
N HIS F 34 3.63 -14.28 -24.81
CA HIS F 34 5.02 -14.70 -24.99
C HIS F 34 5.36 -14.59 -26.47
N GLY F 35 6.48 -13.95 -26.78
CA GLY F 35 6.87 -13.71 -28.17
C GLY F 35 6.63 -12.27 -28.63
N TRP F 36 6.27 -11.38 -27.70
CA TRP F 36 6.02 -9.97 -27.95
C TRP F 36 6.98 -9.16 -27.08
N ILE F 37 7.37 -7.96 -27.53
CA ILE F 37 8.23 -7.12 -26.71
C ILE F 37 7.39 -6.30 -25.73
N VAL F 38 7.44 -6.70 -24.44
CA VAL F 38 6.69 -6.10 -23.35
C VAL F 38 7.43 -6.31 -22.01
N ASP F 39 7.18 -5.45 -21.00
CA ASP F 39 7.83 -5.63 -19.70
C ASP F 39 6.80 -5.81 -18.56
N ASP F 40 7.27 -6.31 -17.39
CA ASP F 40 6.42 -6.60 -16.25
C ASP F 40 5.69 -5.41 -15.62
N THR F 41 5.92 -4.20 -16.14
CA THR F 41 5.27 -3.01 -15.59
C THR F 41 4.12 -2.56 -16.49
N LEU F 42 4.32 -2.62 -17.83
CA LEU F 42 3.29 -2.28 -18.82
C LEU F 42 2.14 -3.30 -18.75
N LEU F 43 2.44 -4.57 -18.44
CA LEU F 43 1.45 -5.63 -18.31
C LEU F 43 0.55 -5.40 -17.10
N GLU F 44 1.10 -4.82 -16.02
CA GLU F 44 0.33 -4.50 -14.81
C GLU F 44 -0.66 -3.36 -15.09
N THR F 45 -0.23 -2.32 -15.84
CA THR F 45 -1.16 -1.22 -16.18
C THR F 45 -2.22 -1.71 -17.16
N LEU F 46 -1.87 -2.63 -18.07
CA LEU F 46 -2.82 -3.17 -19.04
C LEU F 46 -3.87 -4.03 -18.30
N ALA F 47 -3.42 -4.92 -17.41
CA ALA F 47 -4.32 -5.75 -16.61
C ALA F 47 -5.18 -4.87 -15.71
N TYR F 48 -4.61 -3.79 -15.12
CA TYR F 48 -5.42 -2.89 -14.31
C TYR F 48 -6.51 -2.22 -15.13
N LYS F 49 -6.17 -1.52 -16.23
CA LYS F 49 -7.18 -0.85 -17.06
C LYS F 49 -8.21 -1.81 -17.68
N VAL F 50 -7.82 -3.04 -18.07
CA VAL F 50 -8.77 -4.01 -18.64
C VAL F 50 -9.81 -4.38 -17.56
N ASN F 51 -9.33 -4.73 -16.34
CA ASN F 51 -10.19 -5.07 -15.20
C ASN F 51 -11.17 -3.96 -14.82
N THR F 52 -10.78 -2.66 -14.96
CA THR F 52 -11.73 -1.58 -14.67
C THR F 52 -12.92 -1.53 -15.64
N LEU F 53 -12.74 -2.09 -16.86
CA LEU F 53 -13.80 -2.12 -17.87
C LEU F 53 -14.86 -3.19 -17.59
N GLU F 54 -14.54 -4.17 -16.68
CA GLU F 54 -15.42 -5.28 -16.26
C GLU F 54 -16.06 -6.03 -17.43
N LEU F 55 -15.25 -6.80 -18.16
CA LEU F 55 -15.75 -7.52 -19.34
C LEU F 55 -16.03 -9.02 -19.09
N LYS F 56 -15.78 -9.50 -17.86
CA LYS F 56 -15.95 -10.87 -17.36
C LYS F 56 -17.09 -11.70 -18.00
N ASP F 57 -18.29 -11.12 -18.15
CA ASP F 57 -19.47 -11.82 -18.65
C ASP F 57 -19.77 -11.61 -20.14
N TYR F 58 -18.80 -11.15 -20.93
CA TYR F 58 -19.04 -10.86 -22.35
C TYR F 58 -18.31 -11.82 -23.33
N GLY F 59 -18.69 -11.76 -24.61
CA GLY F 59 -18.07 -12.54 -25.68
C GLY F 59 -17.06 -11.73 -26.46
N GLU F 60 -16.15 -12.42 -27.19
CA GLU F 60 -15.06 -11.84 -27.99
C GLU F 60 -15.38 -10.53 -28.76
N HIS F 61 -16.51 -10.49 -29.50
CA HIS F 61 -16.89 -9.31 -30.31
C HIS F 61 -17.23 -8.09 -29.48
N VAL F 62 -17.79 -8.31 -28.28
CA VAL F 62 -18.11 -7.22 -27.39
C VAL F 62 -16.83 -6.77 -26.69
N ILE F 63 -16.02 -7.72 -26.21
CA ILE F 63 -14.73 -7.45 -25.58
C ILE F 63 -13.84 -6.61 -26.54
N GLU F 64 -13.84 -6.93 -27.83
CA GLU F 64 -13.09 -6.15 -28.82
C GLU F 64 -13.64 -4.70 -28.94
N ARG F 65 -14.95 -4.56 -29.11
CA ARG F 65 -15.65 -3.28 -29.24
C ARG F 65 -15.37 -2.38 -28.04
N LYS F 66 -15.45 -2.93 -26.83
CA LYS F 66 -15.20 -2.16 -25.62
C LYS F 66 -13.74 -1.72 -25.50
N LEU F 67 -12.81 -2.55 -25.99
CA LEU F 67 -11.40 -2.18 -26.01
C LEU F 67 -11.20 -1.02 -27.01
N ASN F 68 -11.90 -1.04 -28.15
CA ASN F 68 -11.80 0.01 -29.17
C ASN F 68 -12.26 1.37 -28.66
N GLU F 69 -13.24 1.40 -27.76
CA GLU F 69 -13.80 2.60 -27.13
C GLU F 69 -12.87 3.21 -26.05
N SER F 70 -11.82 2.47 -25.65
CA SER F 70 -10.85 2.93 -24.66
C SER F 70 -9.58 3.40 -25.37
N SER F 71 -9.35 4.71 -25.40
CA SER F 71 -8.17 5.31 -26.02
C SER F 71 -6.91 4.94 -25.23
N GLU F 72 -7.02 4.88 -23.90
CA GLU F 72 -5.91 4.50 -23.04
C GLU F 72 -5.44 3.07 -23.32
N ILE F 73 -6.38 2.18 -23.70
CA ILE F 73 -6.00 0.81 -24.05
C ILE F 73 -5.33 0.76 -25.40
N GLN F 74 -5.86 1.52 -26.37
CA GLN F 74 -5.29 1.55 -27.71
C GLN F 74 -3.88 2.12 -27.71
N GLN F 75 -3.63 3.11 -26.86
CA GLN F 75 -2.32 3.72 -26.72
C GLN F 75 -1.30 2.68 -26.22
N ILE F 76 -1.70 1.86 -25.27
CA ILE F 76 -0.85 0.79 -24.75
C ILE F 76 -0.65 -0.30 -25.83
N LEU F 77 -1.68 -0.57 -26.64
CA LEU F 77 -1.60 -1.59 -27.68
C LEU F 77 -0.59 -1.26 -28.78
N LYS F 78 -0.46 0.03 -29.17
CA LYS F 78 0.48 0.46 -30.20
C LYS F 78 1.95 0.30 -29.79
N LEU F 79 2.22 0.24 -28.48
CA LEU F 79 3.55 0.08 -27.89
C LEU F 79 4.04 -1.36 -27.95
N ILE F 80 3.11 -2.33 -27.95
CA ILE F 80 3.45 -3.75 -27.95
C ILE F 80 3.59 -4.29 -29.38
N GLN F 81 4.83 -4.63 -29.79
CA GLN F 81 5.16 -5.18 -31.13
C GLN F 81 5.91 -6.50 -30.98
N PRO F 82 5.85 -7.42 -31.97
CA PRO F 82 6.51 -8.74 -31.81
C PRO F 82 8.02 -8.70 -31.56
N GLU F 83 8.52 -9.77 -30.89
CA GLU F 83 9.92 -9.94 -30.49
C GLU F 83 10.94 -9.76 -31.61
N GLY G 1 11.82 4.63 31.35
CA GLY G 1 10.38 4.75 31.22
C GLY G 1 9.96 5.67 30.08
N MET G 2 9.11 6.67 30.39
CA MET G 2 8.68 7.63 29.37
C MET G 2 9.66 8.81 29.30
N ASP G 3 10.30 8.99 28.11
CA ASP G 3 11.28 10.03 27.89
C ASP G 3 10.85 10.95 26.75
N PHE G 4 9.98 11.91 27.04
CA PHE G 4 9.56 12.88 26.02
C PHE G 4 10.63 13.99 25.83
N LEU G 5 10.44 14.88 24.85
CA LEU G 5 11.37 15.95 24.55
C LEU G 5 11.57 16.92 25.72
N THR G 6 12.82 17.07 26.17
CA THR G 6 13.16 17.93 27.29
C THR G 6 13.45 19.37 26.85
N SER G 7 13.38 20.31 27.79
CA SER G 7 13.72 21.69 27.51
C SER G 7 15.21 21.83 27.18
N THR G 8 16.07 20.94 27.73
CA THR G 8 17.50 20.93 27.47
C THR G 8 17.77 20.77 25.97
N LEU G 9 17.18 19.75 25.33
CA LEU G 9 17.37 19.46 23.92
C LEU G 9 16.72 20.53 23.07
N LEU G 10 15.56 21.07 23.49
CA LEU G 10 14.92 22.13 22.70
C LEU G 10 15.75 23.41 22.72
N SER G 11 16.38 23.75 23.86
CA SER G 11 17.17 24.98 23.98
C SER G 11 18.35 25.05 23.03
N GLY G 12 19.13 23.97 22.95
CA GLY G 12 20.27 23.89 22.05
C GLY G 12 19.89 24.08 20.59
N ILE G 13 18.69 23.63 20.22
CA ILE G 13 18.19 23.76 18.87
C ILE G 13 17.85 25.24 18.61
N LEU G 14 17.15 25.86 19.57
CA LEU G 14 16.74 27.26 19.51
C LEU G 14 17.94 28.18 19.42
N TYR G 15 18.94 27.98 20.29
CA TYR G 15 20.16 28.78 20.32
C TYR G 15 20.86 28.83 18.96
N ASP G 16 21.05 27.67 18.31
CA ASP G 16 21.69 27.64 16.99
C ASP G 16 20.86 28.34 15.90
N GLY G 17 19.53 28.34 16.07
CA GLY G 17 18.61 28.99 15.15
C GLY G 17 18.71 30.49 15.23
N PHE G 18 18.94 31.02 16.45
CA PHE G 18 19.10 32.46 16.68
C PHE G 18 20.47 32.91 16.13
N LYS G 19 21.52 32.10 16.40
CA LYS G 19 22.90 32.30 16.00
C LYS G 19 23.03 32.37 14.48
N ASN G 20 22.49 31.38 13.76
CA ASN G 20 22.55 31.38 12.29
C ASN G 20 21.59 32.38 11.62
N GLY G 21 20.67 32.97 12.38
CA GLY G 21 19.71 33.92 11.86
C GLY G 21 18.57 33.26 11.10
N VAL G 22 18.23 32.02 11.47
CA VAL G 22 17.16 31.25 10.85
C VAL G 22 15.89 31.45 11.69
N ALA G 23 14.79 31.81 11.02
CA ALA G 23 13.52 32.03 11.73
C ALA G 23 12.95 30.72 12.27
N ILE G 24 12.38 30.76 13.48
CA ILE G 24 11.77 29.58 14.10
C ILE G 24 10.42 29.32 13.43
N THR G 25 10.39 28.38 12.47
CA THR G 25 9.19 28.02 11.72
C THR G 25 8.79 26.53 11.97
N THR G 26 7.64 26.09 11.41
CA THR G 26 7.16 24.71 11.46
C THR G 26 8.20 23.82 10.77
N GLY G 27 8.67 24.23 9.60
CA GLY G 27 9.68 23.51 8.83
C GLY G 27 11.05 23.46 9.48
N PHE G 28 11.42 24.56 10.19
CA PHE G 28 12.71 24.63 10.89
C PHE G 28 12.70 23.61 12.02
N LEU G 29 11.67 23.65 12.89
CA LEU G 29 11.52 22.70 13.98
C LEU G 29 11.35 21.27 13.45
N LYS G 30 10.68 21.11 12.31
CA LYS G 30 10.46 19.83 11.60
C LYS G 30 11.79 19.21 11.18
N GLU G 31 12.73 20.06 10.71
CA GLU G 31 14.05 19.65 10.29
C GLU G 31 14.91 19.33 11.52
N LYS G 32 14.86 20.19 12.55
CA LYS G 32 15.68 20.02 13.73
C LYS G 32 15.21 18.93 14.69
N LEU G 33 13.91 18.58 14.65
CA LEU G 33 13.39 17.54 15.52
C LEU G 33 13.28 16.19 14.83
N HIS G 34 14.28 15.87 13.99
CA HIS G 34 14.41 14.58 13.31
C HIS G 34 14.64 13.53 14.40
N GLY G 35 13.86 12.47 14.38
CA GLY G 35 13.93 11.43 15.39
C GLY G 35 12.91 11.56 16.51
N TRP G 36 11.93 12.46 16.34
CA TRP G 36 10.85 12.69 17.31
C TRP G 36 9.52 12.61 16.59
N ILE G 37 8.57 11.85 17.16
CA ILE G 37 7.22 11.71 16.62
C ILE G 37 6.47 12.96 17.02
N VAL G 38 6.27 13.84 16.05
CA VAL G 38 5.63 15.15 16.21
C VAL G 38 4.70 15.40 15.00
N ASP G 39 3.95 16.51 14.98
CA ASP G 39 3.05 16.81 13.85
C ASP G 39 3.01 18.31 13.52
N ASP G 40 2.43 18.69 12.37
CA ASP G 40 2.41 20.11 11.98
C ASP G 40 1.59 21.00 12.95
N THR G 41 0.66 20.42 13.75
CA THR G 41 -0.08 21.20 14.73
C THR G 41 0.78 21.46 15.97
N LEU G 42 1.44 20.42 16.48
CA LEU G 42 2.33 20.56 17.63
C LEU G 42 3.52 21.44 17.26
N LEU G 43 4.03 21.35 16.02
CA LEU G 43 5.15 22.17 15.56
C LEU G 43 4.74 23.63 15.41
N GLU G 44 3.56 23.92 14.85
CA GLU G 44 3.10 25.30 14.69
C GLU G 44 2.75 25.91 16.06
N THR G 45 2.23 25.09 17.00
CA THR G 45 1.88 25.56 18.35
C THR G 45 3.14 25.82 19.17
N LEU G 46 4.16 24.94 19.00
CA LEU G 46 5.44 25.09 19.68
C LEU G 46 6.11 26.36 19.17
N ALA G 47 6.14 26.56 17.84
CA ALA G 47 6.73 27.75 17.22
C ALA G 47 6.01 29.06 17.58
N TYR G 48 4.75 28.97 18.01
CA TYR G 48 3.94 30.11 18.43
C TYR G 48 4.34 30.57 19.84
N LYS G 49 4.36 29.65 20.83
CA LYS G 49 4.69 30.00 22.21
C LYS G 49 6.14 30.37 22.40
N VAL G 50 7.05 29.73 21.62
CA VAL G 50 8.48 29.99 21.69
C VAL G 50 8.81 31.41 21.22
N ASN G 51 8.17 31.86 20.13
CA ASN G 51 8.39 33.20 19.62
C ASN G 51 7.88 34.25 20.60
N THR G 52 6.70 34.03 21.23
CA THR G 52 6.19 34.99 22.23
C THR G 52 6.92 34.91 23.59
N LEU G 53 7.81 33.96 23.79
CA LEU G 53 8.52 33.78 25.05
C LEU G 53 9.70 34.72 25.29
N GLU G 54 10.06 35.55 24.28
CA GLU G 54 11.21 36.48 24.36
C GLU G 54 12.49 35.71 24.74
N LEU G 55 13.06 34.94 23.79
CA LEU G 55 14.23 34.11 24.07
C LEU G 55 15.46 34.45 23.20
N LYS G 56 15.23 35.15 22.07
CA LYS G 56 16.23 35.56 21.08
C LYS G 56 17.55 36.09 21.67
N ASP G 57 17.48 37.04 22.60
CA ASP G 57 18.68 37.65 23.18
C ASP G 57 19.50 36.79 24.15
N TYR G 58 18.95 35.67 24.65
CA TYR G 58 19.58 34.86 25.70
C TYR G 58 20.35 33.63 25.20
N GLY G 59 21.19 33.07 26.09
CA GLY G 59 22.03 31.91 25.82
C GLY G 59 21.38 30.58 26.15
N GLU G 60 22.01 29.47 25.75
CA GLU G 60 21.49 28.10 25.89
C GLU G 60 20.86 27.75 27.27
N HIS G 61 21.64 27.82 28.36
CA HIS G 61 21.15 27.48 29.69
C HIS G 61 20.08 28.43 30.22
N VAL G 62 20.07 29.68 29.72
CA VAL G 62 19.05 30.64 30.12
C VAL G 62 17.76 30.27 29.42
N ILE G 63 17.81 29.98 28.10
CA ILE G 63 16.64 29.56 27.29
C ILE G 63 16.00 28.31 27.90
N GLU G 64 16.84 27.37 28.34
CA GLU G 64 16.42 26.12 28.97
C GLU G 64 15.65 26.39 30.26
N ARG G 65 16.10 27.38 31.04
CA ARG G 65 15.43 27.76 32.29
C ARG G 65 14.08 28.43 32.03
N LYS G 66 14.03 29.38 31.08
CA LYS G 66 12.81 30.10 30.70
C LYS G 66 11.77 29.18 30.05
N LEU G 67 12.22 28.08 29.40
CA LEU G 67 11.33 27.09 28.80
C LEU G 67 10.73 26.24 29.93
N ASN G 68 11.57 25.86 30.94
CA ASN G 68 11.15 25.08 32.11
C ASN G 68 10.10 25.84 32.94
N GLU G 69 10.23 27.19 33.01
CA GLU G 69 9.28 28.05 33.75
C GLU G 69 7.90 28.01 33.12
N SER G 70 7.84 27.96 31.78
CA SER G 70 6.59 27.94 31.05
C SER G 70 5.92 26.57 31.10
N SER G 71 4.81 26.46 31.85
CA SER G 71 4.01 25.22 31.94
C SER G 71 3.29 24.94 30.59
N GLU G 72 2.97 26.01 29.84
CA GLU G 72 2.34 26.00 28.53
C GLU G 72 3.24 25.24 27.51
N ILE G 73 4.59 25.35 27.65
CA ILE G 73 5.56 24.67 26.80
C ILE G 73 5.61 23.18 27.16
N GLN G 74 5.70 22.87 28.46
CA GLN G 74 5.74 21.49 28.96
C GLN G 74 4.48 20.69 28.57
N GLN G 75 3.35 21.39 28.34
CA GLN G 75 2.10 20.80 27.87
C GLN G 75 2.34 20.24 26.47
N ILE G 76 3.03 21.00 25.61
CA ILE G 76 3.37 20.58 24.26
C ILE G 76 4.43 19.47 24.28
N LEU G 77 5.51 19.66 25.06
CA LEU G 77 6.61 18.71 25.08
C LEU G 77 6.28 17.34 25.66
N LYS G 78 5.20 17.21 26.44
CA LYS G 78 4.83 15.90 27.01
C LYS G 78 4.32 14.91 25.95
N LEU G 79 3.86 15.41 24.81
CA LEU G 79 3.34 14.57 23.73
C LEU G 79 4.40 14.20 22.69
N ILE G 80 5.57 14.87 22.69
CA ILE G 80 6.62 14.57 21.72
C ILE G 80 7.47 13.39 22.19
N GLN G 81 7.13 12.21 21.66
CA GLN G 81 7.72 10.92 21.97
C GLN G 81 8.88 10.61 21.02
N PRO G 82 9.95 9.95 21.48
CA PRO G 82 11.07 9.65 20.60
C PRO G 82 10.84 8.50 19.63
N GLU G 83 11.43 8.59 18.43
CA GLU G 83 11.39 7.49 17.45
C GLU G 83 12.37 6.45 18.00
N GLN G 84 11.91 5.21 18.20
CA GLN G 84 12.77 4.15 18.74
C GLN G 84 13.59 3.49 17.62
N GLY H 1 6.22 -26.90 -27.08
CA GLY H 1 6.79 -26.36 -25.84
C GLY H 1 7.19 -27.42 -24.84
N MET H 2 7.17 -27.07 -23.54
CA MET H 2 7.58 -28.03 -22.50
C MET H 2 6.69 -28.04 -21.24
N ASP H 3 5.78 -29.01 -21.17
CA ASP H 3 4.94 -29.16 -19.99
C ASP H 3 5.67 -30.02 -18.96
N PHE H 4 5.63 -29.60 -17.69
CA PHE H 4 6.30 -30.36 -16.62
C PHE H 4 5.49 -30.28 -15.29
N LEU H 5 5.98 -30.94 -14.20
CA LEU H 5 5.28 -30.87 -12.93
C LEU H 5 5.48 -29.48 -12.34
N THR H 6 4.40 -28.70 -12.25
CA THR H 6 4.49 -27.34 -11.73
C THR H 6 4.47 -27.28 -10.21
N SER H 7 4.93 -26.16 -9.63
CA SER H 7 4.89 -25.95 -8.18
C SER H 7 3.44 -25.88 -7.70
N THR H 8 2.52 -25.42 -8.56
CA THR H 8 1.09 -25.36 -8.28
C THR H 8 0.57 -26.78 -8.03
N LEU H 9 0.92 -27.74 -8.91
CA LEU H 9 0.47 -29.11 -8.79
C LEU H 9 1.08 -29.81 -7.59
N LEU H 10 2.39 -29.65 -7.37
CA LEU H 10 3.09 -30.26 -6.24
C LEU H 10 2.61 -29.70 -4.88
N SER H 11 2.29 -28.40 -4.81
CA SER H 11 1.85 -27.79 -3.55
C SER H 11 0.52 -28.37 -3.05
N GLY H 12 -0.36 -28.72 -3.97
CA GLY H 12 -1.63 -29.34 -3.64
C GLY H 12 -1.43 -30.73 -3.09
N ILE H 13 -0.55 -31.50 -3.74
CA ILE H 13 -0.23 -32.85 -3.30
C ILE H 13 0.42 -32.82 -1.91
N LEU H 14 1.28 -31.82 -1.65
CA LEU H 14 1.96 -31.71 -0.36
C LEU H 14 1.02 -31.24 0.77
N TYR H 15 0.05 -30.37 0.45
CA TYR H 15 -0.87 -29.87 1.47
C TYR H 15 -1.84 -30.93 1.97
N ASP H 16 -2.51 -31.65 1.07
CA ASP H 16 -3.42 -32.73 1.49
C ASP H 16 -2.69 -33.81 2.31
N GLY H 17 -1.39 -33.97 2.09
CA GLY H 17 -0.56 -34.89 2.84
C GLY H 17 -0.31 -34.41 4.25
N PHE H 18 0.09 -33.11 4.42
CA PHE H 18 0.34 -32.51 5.73
C PHE H 18 -0.95 -32.44 6.55
N LYS H 19 -2.06 -32.12 5.89
CA LYS H 19 -3.39 -32.02 6.48
C LYS H 19 -3.79 -33.36 7.11
N ASN H 20 -3.54 -34.47 6.40
CA ASN H 20 -3.91 -35.78 6.89
C ASN H 20 -2.78 -36.54 7.61
N GLY H 21 -1.63 -35.91 7.79
CA GLY H 21 -0.50 -36.52 8.48
C GLY H 21 -0.02 -37.80 7.84
N VAL H 22 0.06 -37.79 6.51
CA VAL H 22 0.53 -38.94 5.75
C VAL H 22 1.90 -38.53 5.23
N ALA H 23 2.97 -38.83 6.01
CA ALA H 23 4.37 -38.49 5.71
C ALA H 23 4.75 -38.41 4.21
N ILE H 24 5.68 -37.51 3.85
CA ILE H 24 6.10 -37.37 2.45
C ILE H 24 7.01 -38.54 2.06
N THR H 25 6.40 -39.63 1.55
CA THR H 25 7.13 -40.84 1.16
C THR H 25 7.14 -41.02 -0.37
N THR H 26 8.08 -41.83 -0.88
CA THR H 26 8.16 -42.10 -2.31
C THR H 26 6.87 -42.78 -2.81
N GLY H 27 6.32 -43.69 -2.01
CA GLY H 27 5.08 -44.38 -2.32
C GLY H 27 3.86 -43.48 -2.31
N PHE H 28 3.92 -42.39 -1.52
CA PHE H 28 2.88 -41.37 -1.45
C PHE H 28 3.00 -40.46 -2.68
N LEU H 29 4.22 -40.07 -3.07
CA LEU H 29 4.43 -39.26 -4.25
C LEU H 29 4.03 -40.01 -5.52
N LYS H 30 4.31 -41.32 -5.56
CA LYS H 30 3.94 -42.19 -6.67
C LYS H 30 2.41 -42.30 -6.72
N GLU H 31 1.78 -42.54 -5.56
CA GLU H 31 0.33 -42.67 -5.40
C GLU H 31 -0.43 -41.46 -5.94
N LYS H 32 0.08 -40.26 -5.69
CA LYS H 32 -0.59 -39.04 -6.13
C LYS H 32 -0.20 -38.60 -7.54
N LEU H 33 1.00 -38.96 -8.00
CA LEU H 33 1.43 -38.54 -9.33
C LEU H 33 1.07 -39.51 -10.44
N HIS H 34 -0.23 -39.57 -10.77
CA HIS H 34 -0.69 -40.43 -11.86
C HIS H 34 -0.70 -39.62 -13.16
N GLY H 35 -0.24 -40.26 -14.23
CA GLY H 35 -0.16 -39.62 -15.54
C GLY H 35 1.11 -38.83 -15.73
N TRP H 36 2.18 -39.20 -15.00
CA TRP H 36 3.46 -38.53 -15.09
C TRP H 36 4.56 -39.56 -15.30
N ILE H 37 5.50 -39.25 -16.18
CA ILE H 37 6.60 -40.16 -16.48
C ILE H 37 7.67 -39.97 -15.44
N VAL H 38 7.71 -40.87 -14.46
CA VAL H 38 8.65 -40.76 -13.36
C VAL H 38 9.16 -42.13 -12.89
N ASP H 39 10.34 -42.15 -12.26
CA ASP H 39 10.95 -43.36 -11.72
C ASP H 39 11.12 -43.25 -10.17
N ASP H 40 11.38 -44.37 -9.48
CA ASP H 40 11.58 -44.41 -8.03
C ASP H 40 12.99 -43.94 -7.66
N THR H 41 13.46 -42.90 -8.34
CA THR H 41 14.77 -42.28 -8.15
C THR H 41 14.56 -40.77 -8.09
N LEU H 42 13.77 -40.23 -9.04
CA LEU H 42 13.42 -38.82 -9.07
C LEU H 42 12.42 -38.50 -7.94
N LEU H 43 11.53 -39.46 -7.62
CA LEU H 43 10.57 -39.32 -6.53
C LEU H 43 11.28 -39.40 -5.18
N GLU H 44 12.28 -40.28 -5.05
CA GLU H 44 13.08 -40.43 -3.84
C GLU H 44 13.93 -39.15 -3.64
N THR H 45 14.46 -38.58 -4.73
CA THR H 45 15.27 -37.36 -4.69
C THR H 45 14.40 -36.14 -4.39
N LEU H 46 13.15 -36.14 -4.86
CA LEU H 46 12.22 -35.05 -4.62
C LEU H 46 11.77 -35.09 -3.17
N ALA H 47 11.28 -36.27 -2.70
CA ALA H 47 10.83 -36.49 -1.32
C ALA H 47 11.89 -36.10 -0.31
N TYR H 48 13.15 -36.43 -0.58
CA TYR H 48 14.24 -36.08 0.32
C TYR H 48 14.40 -34.57 0.39
N LYS H 49 14.38 -33.87 -0.76
CA LYS H 49 14.54 -32.42 -0.76
C LYS H 49 13.34 -31.68 -0.13
N VAL H 50 12.13 -32.20 -0.33
CA VAL H 50 10.92 -31.62 0.23
C VAL H 50 10.97 -31.73 1.77
N ASN H 51 11.38 -32.89 2.27
CA ASN H 51 11.48 -33.16 3.70
C ASN H 51 12.62 -32.38 4.42
N THR H 52 13.45 -31.63 3.68
CA THR H 52 14.46 -30.76 4.28
C THR H 52 14.04 -29.27 4.25
N LEU H 53 13.06 -28.92 3.40
CA LEU H 53 12.56 -27.54 3.24
C LEU H 53 11.75 -27.00 4.42
N GLU H 54 11.27 -27.89 5.31
CA GLU H 54 10.47 -27.55 6.50
C GLU H 54 9.16 -26.84 6.13
N LEU H 55 8.40 -27.36 5.14
CA LEU H 55 7.15 -26.72 4.73
C LEU H 55 5.90 -27.24 5.43
N LYS H 56 6.04 -28.12 6.41
CA LYS H 56 4.95 -28.77 7.14
C LYS H 56 3.86 -27.82 7.68
N ASP H 57 4.27 -26.72 8.35
CA ASP H 57 3.39 -25.76 9.01
C ASP H 57 2.60 -24.80 8.12
N TYR H 58 2.95 -24.68 6.83
CA TYR H 58 2.37 -23.66 5.97
C TYR H 58 1.17 -24.10 5.12
N GLY H 59 0.47 -23.14 4.52
CA GLY H 59 -0.68 -23.36 3.66
C GLY H 59 -0.30 -23.61 2.21
N GLU H 60 -1.26 -24.07 1.40
CA GLU H 60 -1.05 -24.42 0.00
C GLU H 60 -0.34 -23.35 -0.85
N HIS H 61 -0.85 -22.11 -0.85
CA HIS H 61 -0.28 -21.03 -1.64
C HIS H 61 1.07 -20.52 -1.11
N VAL H 62 1.40 -20.79 0.16
CA VAL H 62 2.70 -20.42 0.72
C VAL H 62 3.71 -21.50 0.27
N ILE H 63 3.32 -22.80 0.35
CA ILE H 63 4.14 -23.93 -0.10
C ILE H 63 4.48 -23.79 -1.60
N GLU H 64 3.54 -23.25 -2.41
CA GLU H 64 3.80 -23.01 -3.83
C GLU H 64 4.94 -21.98 -3.99
N ARG H 65 4.86 -20.84 -3.27
CA ARG H 65 5.89 -19.81 -3.28
C ARG H 65 7.23 -20.35 -2.77
N LYS H 66 7.22 -21.14 -1.70
CA LYS H 66 8.44 -21.71 -1.13
C LYS H 66 9.06 -22.81 -2.00
N LEU H 67 8.27 -23.48 -2.86
CA LEU H 67 8.80 -24.49 -3.78
C LEU H 67 9.51 -23.81 -4.94
N ASN H 68 8.91 -22.72 -5.46
CA ASN H 68 9.48 -21.89 -6.52
C ASN H 68 10.84 -21.28 -6.09
N GLU H 69 11.08 -21.14 -4.76
CA GLU H 69 12.32 -20.61 -4.20
C GLU H 69 13.45 -21.64 -4.17
N SER H 70 13.12 -22.94 -4.15
CA SER H 70 14.17 -23.95 -4.08
C SER H 70 14.65 -24.29 -5.45
N SER H 71 15.89 -23.89 -5.74
CA SER H 71 16.54 -24.11 -7.03
C SER H 71 16.66 -25.61 -7.31
N GLU H 72 17.10 -26.39 -6.31
CA GLU H 72 17.25 -27.85 -6.41
C GLU H 72 15.90 -28.54 -6.65
N ILE H 73 14.81 -27.96 -6.14
CA ILE H 73 13.44 -28.46 -6.35
C ILE H 73 13.05 -28.23 -7.81
N GLN H 74 13.30 -27.02 -8.35
CA GLN H 74 12.97 -26.73 -9.75
C GLN H 74 13.79 -27.57 -10.73
N GLN H 75 15.03 -27.96 -10.35
CA GLN H 75 15.87 -28.82 -11.18
C GLN H 75 15.22 -30.19 -11.34
N ILE H 76 14.70 -30.77 -10.24
CA ILE H 76 14.05 -32.07 -10.29
C ILE H 76 12.75 -32.01 -11.06
N LEU H 77 11.91 -31.02 -10.75
CA LEU H 77 10.61 -30.87 -11.41
C LEU H 77 10.66 -30.79 -12.93
N LYS H 78 11.73 -30.23 -13.51
CA LYS H 78 11.87 -30.12 -14.98
C LYS H 78 12.03 -31.47 -15.71
N LEU H 79 12.43 -32.51 -14.98
CA LEU H 79 12.61 -33.88 -15.49
C LEU H 79 11.30 -34.70 -15.45
N ILE H 80 10.22 -34.15 -14.87
CA ILE H 80 8.94 -34.85 -14.73
C ILE H 80 7.94 -34.36 -15.77
N GLN H 81 7.68 -35.19 -16.78
CA GLN H 81 6.80 -34.82 -17.89
C GLN H 81 5.41 -35.52 -17.86
N PRO H 82 4.40 -34.95 -18.55
CA PRO H 82 3.05 -35.52 -18.50
C PRO H 82 2.71 -36.64 -19.51
N GLU H 83 1.54 -37.28 -19.29
CA GLU H 83 0.91 -38.36 -20.04
C GLU H 83 1.84 -39.55 -20.23
#